data_5LSB
#
_entry.id   5LSB
#
_cell.length_a   142.083
_cell.length_b   142.083
_cell.length_c   40.355
_cell.angle_alpha   90.000
_cell.angle_beta   90.000
_cell.angle_gamma   120.000
#
_symmetry.space_group_name_H-M   'P 32'
#
loop_
_entity.id
_entity.type
_entity.pdbx_description
1 polymer 'Protein HSH49'
2 polymer 'Cold sensitive U2 snRNA suppressor 1'
3 water water
#
loop_
_entity_poly.entity_id
_entity_poly.type
_entity_poly.pdbx_seq_one_letter_code
_entity_poly.pdbx_strand_id
1 'polypeptide(L)'
;GGSNYSADSGNTVYVGNIDPRITKEQLYELFIQINPVLRIKYPKDKVLQAYQGYAFIEFYNQGDAQYAIKIMNNTVRLYD
RLIKVRQVTNSTGTTNLPSNISKDMILPIAKLFIKNLADSIDSDQLVKIFNKFGKLIREPEIFYLSNGKLKCAYVYFEDF
EKADLAIKSLNNQLVANNRITVDYAFKENGKGNAKYGDDVDRLLNKEALKHNMLK
;
A,C,F
2 'polypeptide(L)'
;MAVGSRPGRISQELRAIMNLPEGQLPPWCMKMKDIGLPTGYPDLKIAGLNWDITNLKGDVYGKIIPNHHSRSKKQGRNYF
GALI
;
B,D,H
#
# COMPACT_ATOMS: atom_id res chain seq x y z
N GLY A 10 36.42 4.39 22.45
CA GLY A 10 36.32 4.44 21.02
C GLY A 10 35.13 5.23 20.58
N ASN A 11 34.08 5.05 21.30
CA ASN A 11 32.85 5.70 21.04
C ASN A 11 32.48 6.82 21.96
N THR A 12 33.39 7.16 22.83
CA THR A 12 33.21 8.19 23.77
C THR A 12 34.25 9.23 23.55
N VAL A 13 33.80 10.45 23.72
CA VAL A 13 34.65 11.62 23.56
C VAL A 13 34.71 12.43 24.85
N TYR A 14 35.88 13.05 25.10
CA TYR A 14 36.07 13.98 26.22
C TYR A 14 35.71 15.40 25.75
N VAL A 15 34.80 16.05 26.45
CA VAL A 15 34.48 17.45 26.18
C VAL A 15 35.05 18.32 27.27
N GLY A 16 35.82 19.35 26.89
CA GLY A 16 36.46 20.25 27.84
C GLY A 16 35.98 21.67 27.69
N ASN A 17 36.20 22.45 28.75
CA ASN A 17 36.05 23.91 28.77
C ASN A 17 34.59 24.36 28.73
N ILE A 18 33.79 23.73 29.61
CA ILE A 18 32.36 23.92 29.64
C ILE A 18 32.05 24.87 30.79
N ASP A 19 31.37 25.97 30.48
CA ASP A 19 30.98 26.90 31.51
C ASP A 19 30.09 26.15 32.52
N PRO A 20 30.33 26.33 33.83
CA PRO A 20 29.60 25.52 34.83
C PRO A 20 28.08 25.74 34.89
N ARG A 21 27.60 26.83 34.30
CA ARG A 21 26.14 27.06 34.16
C ARG A 21 25.47 26.15 33.12
N ILE A 22 26.26 25.54 32.25
CA ILE A 22 25.74 24.62 31.23
C ILE A 22 25.12 23.40 31.92
N THR A 23 23.86 23.12 31.59
CA THR A 23 23.15 21.95 32.11
C THR A 23 23.36 20.73 31.19
N LYS A 24 23.02 19.57 31.70
CA LYS A 24 23.16 18.30 30.98
C LYS A 24 22.16 18.19 29.83
N GLU A 25 20.92 18.65 30.05
CA GLU A 25 19.91 18.74 28.97
C GLU A 25 20.51 19.50 27.80
N GLN A 26 21.17 20.62 28.09
CA GLN A 26 21.79 21.48 27.05
C GLN A 26 22.95 20.83 26.32
N LEU A 27 23.75 20.04 27.04
CA LEU A 27 24.80 19.24 26.41
C LEU A 27 24.22 18.23 25.44
N TYR A 28 23.16 17.55 25.86
CA TYR A 28 22.44 16.63 24.99
C TYR A 28 21.91 17.37 23.78
N GLU A 29 21.22 18.48 24.00
CA GLU A 29 20.63 19.25 22.89
C GLU A 29 21.69 19.67 21.86
N LEU A 30 22.89 19.99 22.32
CA LEU A 30 23.98 20.42 21.45
C LEU A 30 24.53 19.26 20.63
N PHE A 31 24.91 18.19 21.33
CA PHE A 31 25.60 17.07 20.69
C PHE A 31 24.70 16.14 19.85
N ILE A 32 23.38 16.18 20.03
CA ILE A 32 22.49 15.44 19.11
C ILE A 32 22.36 16.11 17.73
N GLN A 33 22.84 17.35 17.61
CA GLN A 33 22.96 18.01 16.30
C GLN A 33 24.06 17.37 15.45
N ILE A 34 25.04 16.78 16.12
CA ILE A 34 26.27 16.24 15.52
C ILE A 34 26.15 14.75 15.25
N ASN A 35 25.53 14.01 16.16
CA ASN A 35 25.21 12.59 15.96
C ASN A 35 24.36 12.09 17.14
N PRO A 36 23.65 10.96 16.97
CA PRO A 36 22.81 10.46 18.06
C PRO A 36 23.65 10.01 19.25
N VAL A 37 23.16 10.30 20.46
CA VAL A 37 23.95 10.18 21.67
C VAL A 37 23.38 9.09 22.56
N LEU A 38 24.26 8.20 23.04
CA LEU A 38 23.86 7.08 23.88
C LEU A 38 23.69 7.53 25.33
N ARG A 39 24.76 8.03 25.95
CA ARG A 39 24.68 8.66 27.29
C ARG A 39 25.71 9.78 27.47
N ILE A 40 25.51 10.55 28.54
CA ILE A 40 26.40 11.63 28.94
C ILE A 40 26.77 11.48 30.42
N LYS A 41 28.07 11.46 30.72
CA LYS A 41 28.58 11.57 32.08
C LYS A 41 29.10 12.99 32.24
N TYR A 42 28.42 13.76 33.10
CA TYR A 42 28.72 15.16 33.32
C TYR A 42 28.91 15.33 34.85
N PRO A 43 30.15 15.16 35.35
CA PRO A 43 30.43 15.15 36.79
C PRO A 43 30.14 16.46 37.55
N LYS A 44 29.53 16.27 38.71
CA LYS A 44 29.20 17.32 39.65
C LYS A 44 30.13 17.22 40.85
N ASP A 45 30.78 18.34 41.21
CA ASP A 45 31.54 18.39 42.47
C ASP A 45 30.48 18.44 43.58
N LYS A 46 30.50 17.46 44.49
CA LYS A 46 29.48 17.31 45.52
C LYS A 46 29.49 18.41 46.60
N VAL A 47 30.69 18.92 46.90
CA VAL A 47 30.86 19.93 47.94
C VAL A 47 30.26 21.25 47.50
N LEU A 48 30.60 21.66 46.27
CA LEU A 48 30.15 22.94 45.70
C LEU A 48 28.80 22.83 44.96
N GLN A 49 28.33 21.62 44.72
CA GLN A 49 27.13 21.37 43.90
C GLN A 49 27.13 22.07 42.53
N ALA A 50 28.33 22.18 41.96
CA ALA A 50 28.53 22.79 40.63
C ALA A 50 29.11 21.74 39.72
N TYR A 51 29.02 21.97 38.40
CA TYR A 51 29.72 21.10 37.44
C TYR A 51 31.19 21.55 37.35
N GLN A 52 32.03 20.68 36.80
CA GLN A 52 33.50 20.79 36.97
C GLN A 52 34.27 21.25 35.73
N GLY A 53 33.55 21.60 34.65
CA GLY A 53 34.20 22.09 33.42
C GLY A 53 34.30 21.10 32.24
N TYR A 54 34.10 19.80 32.50
CA TYR A 54 34.27 18.78 31.47
C TYR A 54 33.13 17.76 31.50
N ALA A 55 32.98 17.03 30.39
CA ALA A 55 32.05 15.89 30.34
C ALA A 55 32.53 14.81 29.41
N PHE A 56 31.88 13.66 29.48
CA PHE A 56 32.13 12.50 28.63
C PHE A 56 30.86 12.20 27.87
N ILE A 57 30.93 12.25 26.56
CA ILE A 57 29.77 11.97 25.71
C ILE A 57 30.00 10.68 24.94
N GLU A 58 29.10 9.72 25.15
CA GLU A 58 29.18 8.41 24.53
C GLU A 58 28.24 8.32 23.33
N PHE A 59 28.82 8.11 22.14
CA PHE A 59 28.05 7.86 20.93
C PHE A 59 27.86 6.35 20.74
N TYR A 60 27.15 5.96 19.68
CA TYR A 60 26.81 4.56 19.43
C TYR A 60 27.93 3.70 18.83
N ASN A 61 28.95 4.34 18.26
CA ASN A 61 30.04 3.62 17.60
C ASN A 61 31.26 4.53 17.40
N GLN A 62 32.37 3.92 17.04
CA GLN A 62 33.61 4.67 16.85
C GLN A 62 33.51 5.75 15.76
N GLY A 63 32.81 5.45 14.67
CA GLY A 63 32.71 6.37 13.54
C GLY A 63 32.03 7.69 13.87
N ASP A 64 30.90 7.63 14.57
CA ASP A 64 30.15 8.82 14.96
C ASP A 64 30.99 9.70 15.90
N ALA A 65 31.65 9.06 16.87
CA ALA A 65 32.59 9.77 17.75
C ALA A 65 33.68 10.47 16.96
N GLN A 66 34.34 9.76 16.05
CA GLN A 66 35.41 10.35 15.24
C GLN A 66 34.89 11.53 14.42
N TYR A 67 33.69 11.37 13.87
CA TYR A 67 33.00 12.46 13.17
C TYR A 67 32.84 13.68 14.07
N ALA A 68 32.32 13.43 15.27
CA ALA A 68 32.06 14.47 16.26
C ALA A 68 33.32 15.26 16.58
N ILE A 69 34.43 14.56 16.77
CA ILE A 69 35.70 15.20 17.09
C ILE A 69 36.16 16.13 15.95
N LYS A 70 36.06 15.64 14.71
CA LYS A 70 36.41 16.44 13.53
C LYS A 70 35.57 17.71 13.42
N ILE A 71 34.25 17.58 13.59
CA ILE A 71 33.32 18.71 13.41
C ILE A 71 33.32 19.69 14.59
N MET A 72 33.25 19.17 15.81
CA MET A 72 33.02 20.00 17.00
C MET A 72 34.22 20.67 17.62
N ASN A 73 35.43 20.20 17.31
CA ASN A 73 36.59 20.67 18.03
C ASN A 73 36.93 22.08 17.57
N ASN A 74 36.86 23.02 18.52
CA ASN A 74 37.12 24.46 18.26
C ASN A 74 36.22 25.02 17.16
N THR A 75 34.93 24.79 17.34
CA THR A 75 33.84 25.31 16.50
C THR A 75 32.79 26.09 17.29
N VAL A 76 32.48 25.63 18.50
CA VAL A 76 31.38 26.13 19.30
C VAL A 76 31.87 26.88 20.55
N ARG A 77 31.34 28.08 20.70
CA ARG A 77 31.49 28.85 21.92
C ARG A 77 30.20 28.75 22.71
N LEU A 78 30.27 28.27 23.96
CA LEU A 78 29.16 28.35 24.90
C LEU A 78 29.52 29.33 26.01
N TYR A 79 28.62 30.27 26.30
CA TYR A 79 28.91 31.44 27.16
C TYR A 79 30.27 32.06 26.82
N ASP A 80 30.50 32.24 25.53
CA ASP A 80 31.72 32.84 24.99
C ASP A 80 33.00 31.97 25.02
N ARG A 81 33.01 30.84 25.71
CA ARG A 81 34.21 30.01 25.84
C ARG A 81 34.23 28.89 24.80
N LEU A 82 35.38 28.72 24.14
CA LEU A 82 35.53 27.75 23.06
C LEU A 82 35.61 26.33 23.60
N ILE A 83 34.67 25.48 23.19
CA ILE A 83 34.60 24.08 23.61
C ILE A 83 35.67 23.26 22.90
N LYS A 84 36.25 22.30 23.62
CA LYS A 84 37.22 21.34 23.09
C LYS A 84 36.60 19.94 23.10
N VAL A 85 36.83 19.17 22.03
CA VAL A 85 36.39 17.77 21.93
C VAL A 85 37.58 16.88 21.53
N ARG A 86 37.95 15.93 22.38
CA ARG A 86 39.04 14.98 22.11
C ARG A 86 38.59 13.55 22.40
N GLN A 87 39.28 12.59 21.82
CA GLN A 87 38.99 11.16 22.07
C GLN A 87 39.59 10.68 23.38
N VAL A 88 39.02 9.62 23.92
CA VAL A 88 39.62 8.67 24.92
C VAL A 88 38.60 8.31 26.01
N PRO A 108 42.57 24.82 31.10
CA PRO A 108 42.17 25.37 32.39
C PRO A 108 43.42 25.72 33.19
N ILE A 109 44.18 26.67 32.69
CA ILE A 109 45.61 26.84 33.04
C ILE A 109 45.96 28.33 33.17
N ALA A 110 46.95 28.66 33.98
CA ALA A 110 47.36 30.03 34.20
C ALA A 110 48.50 30.44 33.30
N LYS A 111 48.17 31.06 32.17
CA LYS A 111 49.16 31.42 31.16
C LYS A 111 49.46 32.91 31.19
N LEU A 112 50.72 33.22 31.47
CA LEU A 112 51.22 34.58 31.62
C LEU A 112 52.01 35.00 30.40
N PHE A 113 51.92 36.28 30.07
CA PHE A 113 52.66 36.90 28.97
C PHE A 113 53.77 37.69 29.62
N ILE A 114 55.02 37.43 29.23
CA ILE A 114 56.17 38.17 29.75
C ILE A 114 56.82 38.92 28.61
N LYS A 115 57.06 40.21 28.83
CA LYS A 115 57.55 41.12 27.79
C LYS A 115 58.89 41.75 28.18
N ASN A 116 59.78 41.87 27.20
CA ASN A 116 61.06 42.58 27.32
C ASN A 116 62.12 41.79 28.08
N LEU A 117 62.34 40.55 27.64
CA LEU A 117 63.41 39.71 28.21
C LEU A 117 64.77 40.16 27.68
N ALA A 118 65.79 40.01 28.53
CA ALA A 118 67.17 40.24 28.09
C ALA A 118 67.59 39.08 27.20
N ASP A 119 68.57 39.33 26.33
CA ASP A 119 69.16 38.27 25.50
C ASP A 119 69.63 37.10 26.34
N SER A 120 70.23 37.41 27.50
CA SER A 120 70.72 36.42 28.45
C SER A 120 69.68 35.39 28.94
N ILE A 121 68.40 35.78 28.96
CA ILE A 121 67.38 34.99 29.65
C ILE A 121 66.96 33.80 28.80
N ASP A 122 67.62 32.67 29.09
CA ASP A 122 67.27 31.34 28.57
C ASP A 122 65.82 30.97 28.87
N SER A 123 65.38 29.91 28.20
CA SER A 123 64.22 29.13 28.61
C SER A 123 64.40 28.57 30.03
N ASP A 124 65.61 28.11 30.34
CA ASP A 124 65.96 27.57 31.67
C ASP A 124 65.88 28.60 32.82
N GLN A 125 66.35 29.81 32.59
CA GLN A 125 66.25 30.88 33.59
C GLN A 125 64.80 31.27 33.87
N LEU A 126 63.97 31.28 32.83
CA LEU A 126 62.53 31.47 33.04
C LEU A 126 61.98 30.39 33.98
N VAL A 127 62.36 29.14 33.73
CA VAL A 127 61.92 28.05 34.61
C VAL A 127 62.36 28.32 36.05
N LYS A 128 63.62 28.70 36.24
CA LYS A 128 64.14 29.01 37.58
C LYS A 128 63.49 30.24 38.24
N ILE A 129 63.16 31.26 37.46
CA ILE A 129 62.57 32.50 38.01
C ILE A 129 61.12 32.25 38.47
N PHE A 130 60.36 31.48 37.69
CA PHE A 130 58.95 31.23 37.98
C PHE A 130 58.68 29.98 38.83
N ASN A 131 59.58 28.98 38.80
CA ASN A 131 59.54 27.81 39.71
C ASN A 131 59.23 28.15 41.16
N LYS A 132 59.94 29.14 41.69
CA LYS A 132 59.85 29.51 43.11
C LYS A 132 58.45 29.95 43.53
N PHE A 133 57.69 30.49 42.59
CA PHE A 133 56.29 30.87 42.81
C PHE A 133 55.28 29.73 42.70
N GLY A 134 55.60 28.64 41.99
CA GLY A 134 54.68 27.49 41.86
C GLY A 134 55.00 26.57 40.69
N LYS A 135 54.28 25.44 40.62
CA LYS A 135 54.54 24.43 39.58
C LYS A 135 54.13 24.89 38.19
N LEU A 136 54.95 24.57 37.21
CA LEU A 136 54.73 24.93 35.80
C LEU A 136 54.24 23.71 35.05
N ILE A 137 53.21 23.85 34.24
CA ILE A 137 52.59 22.71 33.55
C ILE A 137 53.47 22.21 32.39
N ARG A 138 54.06 23.14 31.64
CA ARG A 138 54.96 22.81 30.54
C ARG A 138 56.14 23.77 30.62
N GLU A 139 57.11 23.62 29.71
CA GLU A 139 58.24 24.56 29.62
C GLU A 139 57.79 25.87 28.97
N PRO A 140 58.55 26.97 29.16
CA PRO A 140 58.15 28.22 28.50
C PRO A 140 58.28 28.21 26.99
N GLU A 141 57.55 29.10 26.30
CA GLU A 141 57.69 29.31 24.87
C GLU A 141 58.13 30.74 24.66
N ILE A 142 59.26 30.90 23.98
CA ILE A 142 59.87 32.19 23.72
C ILE A 142 59.54 32.62 22.29
N PHE A 143 59.26 33.92 22.13
CA PHE A 143 59.01 34.53 20.84
C PHE A 143 59.32 36.01 20.84
N TYR A 144 59.39 36.58 19.63
CA TYR A 144 59.85 37.93 19.41
C TYR A 144 58.79 38.73 18.66
N LEU A 145 58.47 39.92 19.19
CA LEU A 145 57.61 40.88 18.50
C LEU A 145 58.45 42.04 17.98
N SER A 146 57.80 42.90 17.20
CA SER A 146 58.40 44.11 16.59
C SER A 146 59.81 43.93 16.01
N LYS A 149 63.07 42.16 17.90
CA LYS A 149 63.56 43.23 18.80
C LYS A 149 63.09 43.04 20.25
N LEU A 150 61.79 42.80 20.43
CA LEU A 150 61.19 42.66 21.75
C LEU A 150 61.02 41.18 22.09
N LYS A 151 61.92 40.67 22.94
CA LYS A 151 61.92 39.28 23.36
C LYS A 151 60.85 39.07 24.42
N CYS A 152 59.92 38.13 24.14
CA CYS A 152 58.82 37.81 25.02
C CYS A 152 58.78 36.32 25.33
N ALA A 153 57.89 35.94 26.24
CA ALA A 153 57.67 34.51 26.55
C ALA A 153 56.28 34.25 27.07
N TYR A 154 55.81 33.03 26.87
CA TYR A 154 54.64 32.51 27.58
C TYR A 154 55.12 31.57 28.67
N VAL A 155 54.53 31.72 29.86
CA VAL A 155 54.83 30.86 30.99
C VAL A 155 53.50 30.31 31.49
N TYR A 156 53.52 29.01 31.80
CA TYR A 156 52.31 28.23 32.01
C TYR A 156 52.32 27.70 33.45
N PHE A 157 51.45 28.25 34.28
CA PHE A 157 51.33 27.86 35.69
C PHE A 157 50.18 26.88 35.86
N GLU A 158 50.36 25.90 36.74
CA GLU A 158 49.27 25.02 37.17
C GLU A 158 48.13 25.77 37.86
N ASP A 159 48.47 26.80 38.64
CA ASP A 159 47.53 27.43 39.58
C ASP A 159 47.46 28.94 39.39
N PHE A 160 46.24 29.49 39.28
CA PHE A 160 46.06 30.93 39.21
C PHE A 160 46.50 31.66 40.50
N GLU A 161 46.41 30.99 41.63
CA GLU A 161 46.89 31.52 42.90
C GLU A 161 48.40 31.79 42.86
N LYS A 162 49.11 30.85 42.24
CA LYS A 162 50.57 30.93 42.12
C LYS A 162 50.97 31.93 41.03
N ALA A 163 50.27 31.90 39.90
CA ALA A 163 50.40 32.90 38.85
C ALA A 163 50.26 34.34 39.35
N ASP A 164 49.30 34.57 40.26
CA ASP A 164 49.11 35.88 40.87
C ASP A 164 50.34 36.38 41.64
N LEU A 165 50.93 35.48 42.45
CA LEU A 165 52.15 35.81 43.19
C LEU A 165 53.25 36.27 42.24
N ALA A 166 53.47 35.49 41.17
CA ALA A 166 54.49 35.81 40.17
C ALA A 166 54.30 37.18 39.49
N ILE A 167 53.05 37.52 39.22
CA ILE A 167 52.70 38.84 38.67
C ILE A 167 53.09 39.94 39.69
N LYS A 168 52.53 39.84 40.88
CA LYS A 168 52.79 40.80 41.96
C LYS A 168 54.29 41.04 42.16
N SER A 169 55.04 39.95 42.27
CA SER A 169 56.48 40.00 42.52
C SER A 169 57.35 40.45 41.34
N LEU A 170 56.97 40.10 40.09
CA LEU A 170 57.83 40.35 38.93
C LEU A 170 57.36 41.38 37.88
N ASN A 171 56.10 41.79 37.91
CA ASN A 171 55.62 42.85 37.01
C ASN A 171 56.38 44.14 37.30
N ASN A 172 56.86 44.81 36.25
CA ASN A 172 57.60 46.07 36.35
C ASN A 172 58.91 45.97 37.14
N GLN A 173 59.59 44.83 37.06
CA GLN A 173 60.84 44.61 37.79
C GLN A 173 62.02 44.36 36.87
N LEU A 174 63.21 44.50 37.43
CA LEU A 174 64.45 44.45 36.68
C LEU A 174 65.00 43.04 36.75
N VAL A 175 65.16 42.40 35.59
CA VAL A 175 65.79 41.09 35.48
C VAL A 175 66.82 41.20 34.37
N ALA A 176 68.06 40.78 34.65
CA ALA A 176 69.18 40.94 33.73
C ALA A 176 69.22 42.34 33.09
N ASN A 177 69.05 43.37 33.93
CA ASN A 177 69.15 44.78 33.48
C ASN A 177 68.11 45.23 32.43
N ASN A 178 67.04 44.46 32.27
CA ASN A 178 65.91 44.81 31.43
C ASN A 178 64.69 44.83 32.32
N ARG A 179 63.80 45.78 32.09
CA ARG A 179 62.61 45.95 32.91
C ARG A 179 61.47 45.23 32.25
N ILE A 180 60.92 44.22 32.95
CA ILE A 180 59.89 43.36 32.35
C ILE A 180 58.48 43.72 32.80
N THR A 181 57.49 43.26 32.03
CA THR A 181 56.09 43.30 32.43
C THR A 181 55.55 41.87 32.47
N VAL A 182 54.63 41.63 33.39
CA VAL A 182 54.04 40.31 33.58
C VAL A 182 52.53 40.48 33.82
N ASP A 183 51.73 39.95 32.91
CA ASP A 183 50.29 39.82 33.13
C ASP A 183 49.79 38.59 32.43
N TYR A 184 48.54 38.28 32.66
CA TYR A 184 47.87 37.18 31.99
C TYR A 184 47.80 37.39 30.49
N ALA A 185 48.06 36.32 29.75
CA ALA A 185 47.93 36.32 28.30
C ALA A 185 46.49 36.45 27.84
N PHE A 186 46.38 36.79 26.55
CA PHE A 186 45.11 36.85 25.86
C PHE A 186 44.77 35.42 25.55
N LYS A 187 43.48 35.11 25.51
CA LYS A 187 43.00 33.79 25.08
C LYS A 187 43.09 33.73 23.55
N ASN A 189 38.53 38.66 27.07
CA ASN A 189 39.62 38.36 26.17
C ASN A 189 40.85 37.80 26.92
N GLY A 190 40.89 37.86 28.24
CA GLY A 190 42.09 37.50 29.04
C GLY A 190 41.95 36.25 29.92
N LYS A 191 43.06 35.57 30.16
CA LYS A 191 43.12 34.50 31.18
C LYS A 191 43.09 35.13 32.57
N GLY A 192 42.60 34.38 33.55
CA GLY A 192 42.34 34.90 34.89
C GLY A 192 40.90 35.26 35.23
N ASN A 193 39.99 35.15 34.26
CA ASN A 193 38.57 35.39 34.54
C ASN A 193 37.98 34.53 35.68
N ALA A 194 36.87 34.99 36.24
CA ALA A 194 36.19 34.35 37.36
C ALA A 194 35.91 32.86 37.09
N LYS A 195 35.44 32.56 35.88
CA LYS A 195 35.04 31.18 35.52
C LYS A 195 36.21 30.18 35.52
N TYR A 196 37.43 30.66 35.79
CA TYR A 196 38.50 29.80 36.32
C TYR A 196 38.38 29.59 37.84
N GLY A 197 37.20 29.10 38.25
CA GLY A 197 37.05 28.10 39.27
C GLY A 197 37.17 26.70 38.66
N ASP A 198 37.21 26.63 37.32
CA ASP A 198 37.64 25.40 36.60
C ASP A 198 39.06 24.98 36.95
N ASP A 199 39.92 25.96 37.20
CA ASP A 199 41.28 25.69 37.69
C ASP A 199 41.22 25.00 39.06
N VAL A 200 40.39 25.52 39.96
CA VAL A 200 40.24 24.96 41.30
C VAL A 200 39.69 23.53 41.25
N ASP A 201 38.63 23.31 40.47
CA ASP A 201 38.06 21.95 40.34
C ASP A 201 39.09 20.94 39.80
N ARG A 202 39.83 21.30 38.77
CA ARG A 202 40.86 20.41 38.21
C ARG A 202 42.06 20.15 39.16
N LEU A 203 42.47 21.16 39.94
CA LEU A 203 43.47 20.96 41.01
C LEU A 203 42.95 20.01 42.11
N LEU A 204 41.73 20.24 42.57
CA LEU A 204 41.02 19.39 43.55
C LEU A 204 40.98 17.94 43.07
N ASN A 205 40.52 17.75 41.83
CA ASN A 205 40.33 16.42 41.26
C ASN A 205 41.58 15.88 40.50
N LYS A 206 42.73 16.58 40.65
CA LYS A 206 44.05 16.12 40.19
C LYS A 206 44.17 15.98 38.68
N GLU A 207 43.81 17.06 37.99
CA GLU A 207 43.67 17.09 36.51
C GLU A 207 42.61 16.08 36.03
N SER B 5 13.48 17.17 21.81
CA SER B 5 14.63 17.80 21.07
C SER B 5 15.15 16.93 19.91
N ARG B 6 15.53 17.59 18.81
CA ARG B 6 15.83 16.92 17.55
C ARG B 6 17.06 17.56 16.90
N PRO B 7 17.73 16.82 15.98
CA PRO B 7 18.76 17.42 15.12
C PRO B 7 18.16 18.35 14.07
N GLY B 8 18.57 19.60 14.07
CA GLY B 8 18.01 20.60 13.15
C GLY B 8 17.26 21.69 13.86
N ARG B 9 16.91 21.45 15.13
CA ARG B 9 16.27 22.44 15.99
C ARG B 9 17.23 22.79 17.13
N ILE B 10 17.29 24.07 17.46
CA ILE B 10 18.07 24.59 18.60
C ILE B 10 17.22 25.61 19.32
N SER B 11 16.99 25.40 20.62
CA SER B 11 16.16 26.32 21.41
C SER B 11 16.78 27.70 21.51
N GLN B 12 15.94 28.71 21.71
CA GLN B 12 16.40 30.11 21.92
C GLN B 12 17.40 30.22 23.08
N GLU B 13 17.16 29.47 24.15
CA GLU B 13 18.05 29.50 25.31
C GLU B 13 19.47 29.03 24.93
N LEU B 14 19.57 27.92 24.21
CA LEU B 14 20.86 27.42 23.73
C LEU B 14 21.50 28.33 22.69
N ARG B 15 20.67 28.87 21.79
CA ARG B 15 21.10 29.89 20.81
C ARG B 15 21.74 31.09 21.48
N ALA B 16 21.13 31.55 22.57
CA ALA B 16 21.65 32.66 23.37
C ALA B 16 22.98 32.32 24.02
N ILE B 17 23.08 31.09 24.52
CA ILE B 17 24.31 30.56 25.11
C ILE B 17 25.41 30.41 24.06
N MET B 18 25.02 30.09 22.82
CA MET B 18 25.96 29.99 21.70
C MET B 18 26.34 31.32 21.05
N ASN B 19 25.63 32.39 21.37
CA ASN B 19 25.80 33.70 20.73
C ASN B 19 25.48 33.64 19.23
N LEU B 20 24.46 32.86 18.88
CA LEU B 20 24.05 32.66 17.48
C LEU B 20 22.79 33.46 17.16
N PRO B 21 22.93 34.62 16.48
CA PRO B 21 21.72 35.41 16.16
C PRO B 21 20.85 34.71 15.11
N GLU B 22 19.54 35.00 15.12
CA GLU B 22 18.61 34.33 14.19
C GLU B 22 18.93 34.63 12.72
N GLY B 23 18.50 33.69 11.88
CA GLY B 23 18.79 33.72 10.45
C GLY B 23 20.25 33.40 10.16
N GLN B 24 20.89 32.58 11.00
CA GLN B 24 22.27 32.16 10.81
C GLN B 24 22.39 30.67 11.13
N LEU B 25 23.18 29.97 10.32
CA LEU B 25 23.41 28.55 10.53
C LEU B 25 24.39 28.37 11.68
N PRO B 26 24.20 27.33 12.52
CA PRO B 26 25.15 27.08 13.60
C PRO B 26 26.58 26.89 13.09
N PRO B 27 27.59 27.23 13.91
CA PRO B 27 28.99 27.32 13.41
C PRO B 27 29.57 26.02 12.84
N TRP B 28 29.04 24.88 13.26
CA TRP B 28 29.49 23.57 12.76
C TRP B 28 29.03 23.19 11.34
N CYS B 29 28.02 23.87 10.82
CA CYS B 29 27.52 23.62 9.45
C CYS B 29 28.54 23.94 8.36
N MET B 30 29.37 24.95 8.58
CA MET B 30 30.43 25.31 7.63
C MET B 30 31.40 24.14 7.41
N LYS B 31 31.83 23.51 8.51
CA LYS B 31 32.71 22.35 8.46
C LYS B 31 32.09 21.13 7.78
N MET B 32 30.75 21.00 7.87
CA MET B 32 30.03 19.91 7.21
C MET B 32 30.12 19.96 5.69
N LYS B 33 30.29 21.15 5.12
CA LYS B 33 30.54 21.30 3.67
C LYS B 33 31.83 20.61 3.27
N ASP B 34 32.88 20.75 4.08
CA ASP B 34 34.18 20.13 3.81
C ASP B 34 34.16 18.63 4.13
N ILE B 35 33.78 18.31 5.37
CA ILE B 35 33.95 16.96 5.95
C ILE B 35 32.78 16.03 5.61
N GLY B 36 31.60 16.59 5.41
CA GLY B 36 30.41 15.82 5.06
C GLY B 36 29.38 15.79 6.17
N LEU B 37 28.18 15.34 5.81
CA LEU B 37 27.04 15.29 6.73
C LEU B 37 27.25 14.25 7.84
N PRO B 38 26.44 14.33 8.91
CA PRO B 38 26.66 13.40 10.02
C PRO B 38 26.48 11.94 9.66
N THR B 39 27.45 11.14 10.05
CA THR B 39 27.47 9.71 9.81
C THR B 39 26.23 8.99 10.38
N GLY B 40 25.69 9.52 11.50
CA GLY B 40 24.45 9.04 12.10
C GLY B 40 23.15 9.67 11.59
N TYR B 41 23.22 10.60 10.63
CA TYR B 41 22.04 11.24 10.04
C TYR B 41 22.22 11.36 8.53
N PRO B 42 22.20 10.22 7.82
CA PRO B 42 22.42 10.30 6.37
C PRO B 42 21.39 11.17 5.64
N ASP B 43 20.20 11.36 6.23
CA ASP B 43 19.08 12.04 5.61
C ASP B 43 18.84 13.43 6.20
N LEU B 44 19.85 13.97 6.91
CA LEU B 44 19.77 15.33 7.43
C LEU B 44 19.82 16.33 6.29
N LYS B 45 18.86 17.25 6.31
CA LYS B 45 18.85 18.41 5.40
C LYS B 45 19.14 19.66 6.22
N ILE B 46 20.10 20.47 5.74
CA ILE B 46 20.44 21.75 6.35
C ILE B 46 20.17 22.89 5.37
N ALA B 47 19.41 23.88 5.82
CA ALA B 47 19.06 25.05 5.02
C ALA B 47 20.30 25.77 4.51
N GLY B 48 20.39 25.98 3.19
CA GLY B 48 21.57 26.60 2.56
C GLY B 48 22.71 25.67 2.19
N LEU B 49 22.63 24.39 2.57
CA LEU B 49 23.57 23.36 2.15
C LEU B 49 22.88 22.47 1.13
N ASN B 50 21.87 21.74 1.61
CA ASN B 50 21.08 20.80 0.78
C ASN B 50 19.58 20.86 1.07
N TRP B 51 19.10 22.05 1.43
CA TRP B 51 17.71 22.32 1.82
C TRP B 51 17.50 23.79 1.59
N ASP B 52 16.37 24.19 1.06
CA ASP B 52 16.21 25.57 0.65
C ASP B 52 16.31 26.51 1.88
N ILE B 53 17.12 27.56 1.73
CA ILE B 53 17.36 28.57 2.78
C ILE B 53 16.08 29.15 3.38
N THR B 54 15.00 29.17 2.60
CA THR B 54 13.67 29.56 3.09
C THR B 54 13.17 28.77 4.31
N ASN B 55 13.68 27.56 4.51
CA ASN B 55 13.33 26.72 5.67
C ASN B 55 14.05 27.08 6.97
N LEU B 56 15.08 27.95 6.90
CA LEU B 56 15.78 28.43 8.11
C LEU B 56 14.91 29.44 8.83
N LYS B 57 14.04 28.94 9.71
CA LYS B 57 13.07 29.78 10.45
C LYS B 57 13.07 29.41 11.93
N GLY B 58 13.09 30.42 12.79
CA GLY B 58 12.88 30.22 14.22
C GLY B 58 14.01 29.43 14.88
N ASP B 59 13.65 28.30 15.46
CA ASP B 59 14.63 27.37 16.03
C ASP B 59 15.21 26.38 15.00
N VAL B 60 14.57 26.30 13.82
CA VAL B 60 14.88 25.29 12.82
C VAL B 60 15.95 25.79 11.81
N TYR B 61 17.02 25.03 11.66
CA TYR B 61 18.00 25.20 10.56
C TYR B 61 18.11 23.95 9.67
N GLY B 62 17.53 22.84 10.11
CA GLY B 62 17.60 21.58 9.39
C GLY B 62 16.54 20.61 9.86
N LYS B 63 16.45 19.48 9.16
CA LYS B 63 15.45 18.46 9.47
C LYS B 63 15.83 17.17 8.77
N ILE B 64 15.55 16.03 9.41
CA ILE B 64 15.84 14.72 8.80
C ILE B 64 14.68 14.39 7.86
N ILE B 65 14.91 14.55 6.57
CA ILE B 65 13.94 14.22 5.54
C ILE B 65 14.59 13.26 4.55
N PRO B 66 14.04 12.03 4.40
CA PRO B 66 14.56 11.13 3.37
C PRO B 66 14.21 11.51 1.95
N GLY C 10 -33.92 -2.67 0.08
CA GLY C 10 -34.36 -3.96 0.70
C GLY C 10 -33.18 -4.81 1.11
N ASN C 11 -32.47 -5.33 0.10
CA ASN C 11 -31.27 -6.18 0.32
C ASN C 11 -29.98 -5.36 0.56
N THR C 12 -30.08 -4.04 0.46
CA THR C 12 -28.91 -3.16 0.41
C THR C 12 -28.91 -2.21 1.61
N VAL C 13 -27.72 -2.00 2.17
CA VAL C 13 -27.54 -1.17 3.36
C VAL C 13 -26.58 0.00 3.06
N TYR C 14 -26.82 1.14 3.70
CA TYR C 14 -25.92 2.30 3.63
C TYR C 14 -24.90 2.21 4.76
N VAL C 15 -23.62 2.25 4.40
CA VAL C 15 -22.54 2.31 5.40
C VAL C 15 -21.95 3.70 5.42
N GLY C 16 -21.89 4.30 6.62
CA GLY C 16 -21.35 5.64 6.80
C GLY C 16 -20.11 5.66 7.66
N ASN C 17 -19.37 6.76 7.54
CA ASN C 17 -18.27 7.12 8.44
C ASN C 17 -17.02 6.27 8.27
N ILE C 18 -16.64 6.10 7.00
CA ILE C 18 -15.54 5.24 6.61
C ILE C 18 -14.31 6.09 6.38
N ASP C 19 -13.23 5.78 7.08
CA ASP C 19 -11.98 6.52 6.86
C ASP C 19 -11.56 6.34 5.39
N PRO C 20 -11.17 7.44 4.72
CA PRO C 20 -10.90 7.36 3.27
C PRO C 20 -9.77 6.44 2.84
N ARG C 21 -8.89 6.05 3.77
CA ARG C 21 -7.84 5.07 3.50
C ARG C 21 -8.37 3.64 3.35
N ILE C 22 -9.59 3.38 3.83
CA ILE C 22 -10.20 2.05 3.74
C ILE C 22 -10.40 1.68 2.27
N THR C 23 -9.87 0.53 1.87
CA THR C 23 -10.04 0.00 0.51
C THR C 23 -11.30 -0.85 0.40
N LYS C 24 -11.70 -1.10 -0.84
CA LYS C 24 -12.89 -1.89 -1.15
C LYS C 24 -12.70 -3.37 -0.81
N GLU C 25 -11.52 -3.92 -1.09
CA GLU C 25 -11.16 -5.27 -0.63
C GLU C 25 -11.43 -5.41 0.86
N GLN C 26 -11.02 -4.43 1.63
CA GLN C 26 -11.18 -4.43 3.10
C GLN C 26 -12.62 -4.32 3.55
N LEU C 27 -13.44 -3.55 2.82
CA LEU C 27 -14.88 -3.51 3.08
C LEU C 27 -15.52 -4.86 2.86
N TYR C 28 -15.15 -5.52 1.76
CA TYR C 28 -15.59 -6.89 1.48
C TYR C 28 -15.16 -7.81 2.62
N GLU C 29 -13.87 -7.77 2.96
CA GLU C 29 -13.35 -8.65 4.00
C GLU C 29 -14.10 -8.48 5.34
N LEU C 30 -14.52 -7.26 5.64
CA LEU C 30 -15.23 -6.97 6.90
C LEU C 30 -16.64 -7.50 6.86
N PHE C 31 -17.38 -7.12 5.82
CA PHE C 31 -18.81 -7.44 5.76
C PHE C 31 -19.13 -8.90 5.39
N ILE C 32 -18.19 -9.65 4.85
CA ILE C 32 -18.43 -11.10 4.66
C ILE C 32 -18.34 -11.89 5.98
N GLN C 33 -17.85 -11.26 7.04
CA GLN C 33 -17.92 -11.85 8.39
C GLN C 33 -19.35 -11.88 8.93
N ILE C 34 -20.17 -10.97 8.43
CA ILE C 34 -21.53 -10.72 8.91
C ILE C 34 -22.57 -11.45 8.07
N ASN C 35 -22.37 -11.49 6.75
CA ASN C 35 -23.20 -12.25 5.83
C ASN C 35 -22.60 -12.21 4.43
N PRO C 36 -22.97 -13.17 3.55
CA PRO C 36 -22.39 -13.17 2.21
C PRO C 36 -22.83 -11.96 1.40
N VAL C 37 -21.91 -11.40 0.62
CA VAL C 37 -22.09 -10.10 0.00
C VAL C 37 -22.19 -10.24 -1.52
N LEU C 38 -23.22 -9.61 -2.09
CA LEU C 38 -23.45 -9.69 -3.55
C LEU C 38 -22.57 -8.67 -4.28
N ARG C 39 -22.73 -7.39 -3.97
CA ARG C 39 -21.87 -6.32 -4.53
C ARG C 39 -21.64 -5.19 -3.52
N ILE C 40 -20.62 -4.38 -3.82
CA ILE C 40 -20.31 -3.19 -3.05
C ILE C 40 -20.15 -2.00 -4.03
N LYS C 41 -20.92 -0.94 -3.80
CA LYS C 41 -20.69 0.35 -4.45
C LYS C 41 -20.00 1.23 -3.43
N TYR C 42 -18.75 1.60 -3.72
CA TYR C 42 -17.90 2.40 -2.84
C TYR C 42 -17.38 3.56 -3.69
N PRO C 43 -18.12 4.69 -3.72
CA PRO C 43 -17.80 5.82 -4.60
C PRO C 43 -16.46 6.53 -4.34
N LYS C 44 -15.75 6.79 -5.44
CA LYS C 44 -14.48 7.51 -5.45
C LYS C 44 -14.73 8.89 -6.06
N ASP C 45 -14.31 9.95 -5.35
CA ASP C 45 -14.31 11.30 -5.95
C ASP C 45 -13.18 11.33 -6.97
N LYS C 46 -13.48 11.56 -8.24
CA LYS C 46 -12.48 11.47 -9.33
C LYS C 46 -11.46 12.60 -9.32
N VAL C 47 -11.86 13.78 -8.84
CA VAL C 47 -10.96 14.94 -8.79
C VAL C 47 -9.86 14.72 -7.76
N LEU C 48 -10.26 14.30 -6.56
CA LEU C 48 -9.34 14.06 -5.45
C LEU C 48 -8.74 12.65 -5.41
N GLN C 49 -9.27 11.75 -6.23
CA GLN C 49 -8.87 10.34 -6.25
C GLN C 49 -8.93 9.65 -4.87
N ALA C 50 -9.85 10.11 -4.03
CA ALA C 50 -10.05 9.54 -2.69
C ALA C 50 -11.46 8.98 -2.60
N TYR C 51 -11.71 8.12 -1.62
CA TYR C 51 -13.08 7.69 -1.34
C TYR C 51 -13.77 8.76 -0.48
N GLN C 52 -15.10 8.69 -0.43
CA GLN C 52 -15.93 9.82 0.02
C GLN C 52 -16.54 9.65 1.41
N GLY C 53 -16.23 8.56 2.10
CA GLY C 53 -16.72 8.32 3.48
C GLY C 53 -17.87 7.34 3.67
N TYR C 54 -18.56 6.97 2.59
CA TYR C 54 -19.70 6.08 2.66
C TYR C 54 -19.65 5.00 1.59
N ALA C 55 -20.41 3.93 1.79
CA ALA C 55 -20.61 2.90 0.75
C ALA C 55 -21.98 2.29 0.83
N PHE C 56 -22.31 1.53 -0.21
CA PHE C 56 -23.55 0.77 -0.32
C PHE C 56 -23.20 -0.69 -0.44
N ILE C 57 -23.67 -1.50 0.50
CA ILE C 57 -23.39 -2.93 0.49
C ILE C 57 -24.66 -3.71 0.26
N GLU C 58 -24.66 -4.48 -0.82
CA GLU C 58 -25.81 -5.26 -1.24
C GLU C 58 -25.66 -6.71 -0.82
N PHE C 59 -26.57 -7.17 0.03
CA PHE C 59 -26.66 -8.58 0.42
C PHE C 59 -27.61 -9.32 -0.52
N TYR C 60 -27.74 -10.63 -0.32
CA TYR C 60 -28.56 -11.48 -1.17
C TYR C 60 -30.08 -11.42 -0.94
N ASN C 61 -30.49 -10.90 0.21
CA ASN C 61 -31.93 -10.83 0.57
C ASN C 61 -32.17 -9.86 1.71
N GLN C 62 -33.43 -9.53 1.95
CA GLN C 62 -33.79 -8.57 3.00
C GLN C 62 -33.35 -9.04 4.41
N GLY C 63 -33.47 -10.33 4.68
CA GLY C 63 -33.13 -10.87 6.01
C GLY C 63 -31.68 -10.68 6.43
N ASP C 64 -30.76 -10.99 5.51
CA ASP C 64 -29.33 -10.83 5.76
C ASP C 64 -28.97 -9.37 6.01
N ALA C 65 -29.51 -8.49 5.17
CA ALA C 65 -29.36 -7.05 5.38
C ALA C 65 -29.84 -6.62 6.76
N GLN C 66 -31.06 -7.00 7.13
CA GLN C 66 -31.62 -6.62 8.44
C GLN C 66 -30.73 -7.16 9.56
N TYR C 67 -30.23 -8.39 9.41
CA TYR C 67 -29.28 -8.97 10.36
C TYR C 67 -28.03 -8.08 10.49
N ALA C 68 -27.47 -7.71 9.34
CA ALA C 68 -26.27 -6.90 9.28
C ALA C 68 -26.44 -5.58 10.01
N ILE C 69 -27.59 -4.94 9.81
CA ILE C 69 -27.86 -3.65 10.47
C ILE C 69 -27.91 -3.81 11.99
N LYS C 70 -28.57 -4.86 12.47
CA LYS C 70 -28.63 -5.14 13.91
C LYS C 70 -27.25 -5.37 14.52
N ILE C 71 -26.44 -6.19 13.87
CA ILE C 71 -25.11 -6.58 14.39
C ILE C 71 -24.06 -5.50 14.24
N MET C 72 -23.96 -4.90 13.05
CA MET C 72 -22.86 -4.00 12.70
C MET C 72 -22.99 -2.56 13.16
N ASN C 73 -24.19 -2.12 13.49
CA ASN C 73 -24.39 -0.68 13.72
C ASN C 73 -23.81 -0.31 15.07
N ASN C 74 -22.80 0.57 15.03
CA ASN C 74 -22.07 1.03 16.23
C ASN C 74 -21.47 -0.14 17.02
N THR C 75 -20.73 -0.96 16.29
CA THR C 75 -19.93 -2.07 16.81
C THR C 75 -18.44 -1.99 16.43
N VAL C 76 -18.16 -1.52 15.21
CA VAL C 76 -16.83 -1.58 14.62
C VAL C 76 -16.23 -0.19 14.46
N ARG C 77 -15.01 -0.05 14.98
CA ARG C 77 -14.19 1.13 14.72
C ARG C 77 -13.14 0.75 13.68
N LEU C 78 -13.11 1.46 12.55
CA LEU C 78 -12.00 1.35 11.59
C LEU C 78 -11.21 2.66 11.60
N TYR C 79 -9.88 2.55 11.73
CA TYR C 79 -8.99 3.71 12.02
C TYR C 79 -9.59 4.59 13.10
N ASP C 80 -10.03 3.95 14.19
CA ASP C 80 -10.62 4.62 15.35
C ASP C 80 -12.04 5.19 15.20
N ARG C 81 -12.59 5.28 14.00
CA ARG C 81 -13.90 5.91 13.77
C ARG C 81 -15.00 4.88 13.73
N LEU C 82 -16.08 5.16 14.46
CA LEU C 82 -17.20 4.23 14.59
C LEU C 82 -18.05 4.20 13.32
N ILE C 83 -18.15 3.01 12.72
CA ILE C 83 -18.92 2.78 11.50
C ILE C 83 -20.42 2.76 11.82
N LYS C 84 -21.21 3.34 10.91
CA LYS C 84 -22.68 3.33 10.97
C LYS C 84 -23.23 2.47 9.83
N VAL C 85 -24.27 1.68 10.11
CA VAL C 85 -24.96 0.88 9.09
C VAL C 85 -26.48 1.12 9.20
N ARG C 86 -27.09 1.66 8.15
CA ARG C 86 -28.53 1.88 8.08
C ARG C 86 -29.12 1.32 6.80
N GLN C 87 -30.43 1.07 6.81
CA GLN C 87 -31.15 0.58 5.62
C GLN C 87 -31.43 1.72 4.65
N VAL C 88 -31.67 1.35 3.38
CA VAL C 88 -31.85 2.30 2.26
C VAL C 88 -33.17 2.12 1.46
N PRO C 108 -22.06 13.13 9.76
CA PRO C 108 -20.79 13.67 9.27
C PRO C 108 -20.87 15.21 9.26
N ILE C 109 -21.03 15.78 10.45
CA ILE C 109 -21.56 17.14 10.59
C ILE C 109 -20.85 17.95 11.66
N ALA C 110 -21.09 19.26 11.65
CA ALA C 110 -20.40 20.19 12.55
C ALA C 110 -21.28 20.46 13.76
N LYS C 111 -21.02 19.73 14.84
CA LYS C 111 -21.80 19.83 16.07
C LYS C 111 -21.04 20.62 17.13
N LEU C 112 -21.63 21.74 17.54
CA LEU C 112 -21.05 22.69 18.48
C LEU C 112 -21.72 22.57 19.83
N PHE C 113 -20.93 22.79 20.88
CA PHE C 113 -21.41 22.79 22.27
C PHE C 113 -21.46 24.25 22.67
N ILE C 114 -22.63 24.71 23.13
CA ILE C 114 -22.79 26.10 23.58
C ILE C 114 -23.13 26.09 25.06
N LYS C 115 -22.42 26.89 25.83
CA LYS C 115 -22.50 26.88 27.29
C LYS C 115 -22.89 28.25 27.83
N ASN C 116 -23.76 28.24 28.86
CA ASN C 116 -24.20 29.45 29.57
C ASN C 116 -25.17 30.32 28.77
N LEU C 117 -26.25 29.70 28.28
CA LEU C 117 -27.37 30.43 27.69
C LEU C 117 -28.17 31.20 28.76
N ALA C 118 -28.72 32.34 28.35
CA ALA C 118 -29.64 33.08 29.21
C ALA C 118 -30.97 32.33 29.23
N ASP C 119 -31.75 32.54 30.29
CA ASP C 119 -33.11 31.98 30.38
C ASP C 119 -33.94 32.37 29.17
N SER C 120 -33.79 33.63 28.74
CA SER C 120 -34.50 34.18 27.59
C SER C 120 -34.28 33.42 26.26
N ILE C 121 -33.13 32.78 26.11
CA ILE C 121 -32.71 32.20 24.83
C ILE C 121 -33.47 30.90 24.55
N ASP C 122 -34.56 31.06 23.80
CA ASP C 122 -35.32 29.99 23.16
C ASP C 122 -34.46 29.09 22.28
N SER C 123 -35.03 27.95 21.93
CA SER C 123 -34.59 27.16 20.77
C SER C 123 -34.62 27.99 19.48
N ASP C 124 -35.65 28.81 19.31
CA ASP C 124 -35.81 29.68 18.15
C ASP C 124 -34.73 30.77 18.01
N GLN C 125 -34.36 31.41 19.11
CA GLN C 125 -33.30 32.42 19.09
C GLN C 125 -31.94 31.80 18.75
N LEU C 126 -31.68 30.59 19.23
CA LEU C 126 -30.49 29.85 18.80
C LEU C 126 -30.49 29.68 17.26
N VAL C 127 -31.63 29.29 16.71
CA VAL C 127 -31.75 29.13 15.26
C VAL C 127 -31.43 30.46 14.57
N LYS C 128 -32.00 31.56 15.06
CA LYS C 128 -31.74 32.90 14.49
C LYS C 128 -30.30 33.38 14.67
N ILE C 129 -29.66 33.06 15.79
CA ILE C 129 -28.28 33.50 16.05
C ILE C 129 -27.29 32.77 15.15
N PHE C 130 -27.48 31.46 14.96
CA PHE C 130 -26.57 30.64 14.17
C PHE C 130 -26.91 30.54 12.68
N ASN C 131 -28.18 30.71 12.31
CA ASN C 131 -28.62 30.84 10.89
C ASN C 131 -27.74 31.71 10.03
N LYS C 132 -27.44 32.91 10.54
CA LYS C 132 -26.68 33.95 9.84
C LYS C 132 -25.28 33.47 9.39
N PHE C 133 -24.70 32.56 10.16
CA PHE C 133 -23.41 31.96 9.85
C PHE C 133 -23.48 30.78 8.87
N GLY C 134 -24.62 30.11 8.73
CA GLY C 134 -24.78 28.98 7.78
C GLY C 134 -25.94 28.06 8.07
N LYS C 135 -26.20 27.12 7.17
CA LYS C 135 -27.36 26.22 7.27
C LYS C 135 -27.22 25.21 8.41
N LEU C 136 -28.32 24.98 9.12
CA LEU C 136 -28.40 24.02 10.20
C LEU C 136 -29.06 22.73 9.73
N ILE C 137 -28.52 21.60 10.17
CA ILE C 137 -29.05 20.29 9.77
C ILE C 137 -30.40 19.98 10.43
N ARG C 138 -30.47 20.27 11.71
CA ARG C 138 -31.57 19.92 12.59
C ARG C 138 -31.76 21.12 13.52
N GLU C 139 -32.82 21.10 14.34
CA GLU C 139 -33.02 22.14 15.35
C GLU C 139 -32.05 21.93 16.53
N PRO C 140 -31.81 22.96 17.36
CA PRO C 140 -30.94 22.76 18.52
C PRO C 140 -31.53 21.83 19.59
N GLU C 141 -30.67 21.24 20.42
CA GLU C 141 -31.08 20.48 21.60
C GLU C 141 -30.54 21.17 22.82
N ILE C 142 -31.44 21.55 23.71
CA ILE C 142 -31.13 22.31 24.92
C ILE C 142 -31.08 21.35 26.11
N PHE C 143 -30.12 21.58 26.99
CA PHE C 143 -29.97 20.80 28.23
C PHE C 143 -29.23 21.58 29.29
N TYR C 144 -29.30 21.06 30.52
CA TYR C 144 -28.81 21.77 31.70
C TYR C 144 -27.80 20.91 32.44
N LEU C 145 -26.64 21.48 32.75
CA LEU C 145 -25.63 20.83 33.58
C LEU C 145 -25.58 21.49 34.96
N SER C 146 -24.80 20.90 35.87
CA SER C 146 -24.62 21.37 37.25
C SER C 146 -25.91 21.79 37.97
N LYS C 149 -28.83 24.43 36.33
CA LYS C 149 -28.25 25.75 36.64
C LYS C 149 -27.47 26.38 35.48
N LEU C 150 -26.67 25.56 34.80
CA LEU C 150 -25.96 25.99 33.58
C LEU C 150 -26.70 25.53 32.33
N LYS C 151 -27.39 26.47 31.68
CA LYS C 151 -28.14 26.21 30.45
C LYS C 151 -27.20 26.09 29.26
N CYS C 152 -27.25 24.95 28.57
CA CYS C 152 -26.40 24.66 27.42
C CYS C 152 -27.22 24.24 26.21
N ALA C 153 -26.56 24.09 25.06
CA ALA C 153 -27.22 23.59 23.86
C ALA C 153 -26.25 22.92 22.91
N TYR C 154 -26.77 22.01 22.10
CA TYR C 154 -26.05 21.51 20.91
C TYR C 154 -26.64 22.16 19.68
N VAL C 155 -25.76 22.60 18.78
CA VAL C 155 -26.17 23.19 17.52
C VAL C 155 -25.42 22.46 16.43
N TYR C 156 -26.13 22.19 15.35
CA TYR C 156 -25.74 21.24 14.32
C TYR C 156 -25.65 22.02 13.00
N PHE C 157 -24.41 22.21 12.52
CA PHE C 157 -24.15 22.89 11.26
C PHE C 157 -23.92 21.88 10.17
N GLU C 158 -24.39 22.18 8.97
CA GLU C 158 -24.06 21.40 7.78
C GLU C 158 -22.57 21.42 7.45
N ASP C 159 -21.91 22.56 7.68
CA ASP C 159 -20.56 22.83 7.17
C ASP C 159 -19.58 23.24 8.29
N PHE C 160 -18.42 22.59 8.35
CA PHE C 160 -17.38 22.98 9.30
C PHE C 160 -16.83 24.39 9.05
N GLU C 161 -16.84 24.81 7.78
CA GLU C 161 -16.40 26.16 7.42
C GLU C 161 -17.29 27.21 8.07
N LYS C 162 -18.60 26.93 8.09
CA LYS C 162 -19.61 27.82 8.65
C LYS C 162 -19.58 27.76 10.18
N ALA C 163 -19.48 26.54 10.72
CA ALA C 163 -19.26 26.32 12.16
C ALA C 163 -18.07 27.11 12.72
N ASP C 164 -16.97 27.16 11.97
CA ASP C 164 -15.79 27.95 12.36
C ASP C 164 -16.08 29.43 12.51
N LEU C 165 -16.82 30.01 11.56
CA LEU C 165 -17.23 31.42 11.63
C LEU C 165 -17.99 31.69 12.92
N ALA C 166 -18.98 30.84 13.21
CA ALA C 166 -19.81 30.97 14.42
C ALA C 166 -18.99 30.91 15.72
N ILE C 167 -17.99 30.03 15.76
CA ILE C 167 -17.08 29.95 16.89
C ILE C 167 -16.31 31.28 17.05
N LYS C 168 -15.60 31.67 15.98
CA LYS C 168 -14.81 32.91 15.97
C LYS C 168 -15.64 34.11 16.44
N SER C 169 -16.84 34.26 15.88
CA SER C 169 -17.71 35.38 16.19
C SER C 169 -18.41 35.33 17.57
N LEU C 170 -18.75 34.14 18.07
CA LEU C 170 -19.57 34.03 19.30
C LEU C 170 -18.88 33.42 20.54
N ASN C 171 -17.74 32.76 20.40
CA ASN C 171 -17.01 32.24 21.58
C ASN C 171 -16.59 33.41 22.46
N ASN C 172 -16.83 33.28 23.77
CA ASN C 172 -16.48 34.29 24.76
C ASN C 172 -17.17 35.65 24.54
N GLN C 173 -18.41 35.62 24.06
CA GLN C 173 -19.17 36.86 23.80
C GLN C 173 -20.45 36.93 24.60
N LEU C 174 -21.05 38.10 24.61
CA LEU C 174 -22.25 38.37 25.37
C LEU C 174 -23.46 38.17 24.46
N VAL C 175 -24.35 37.25 24.86
CA VAL C 175 -25.67 37.09 24.23
C VAL C 175 -26.70 37.13 25.35
N ALA C 176 -27.72 37.98 25.19
CA ALA C 176 -28.70 38.24 26.24
C ALA C 176 -28.04 38.44 27.61
N ASN C 177 -26.98 39.24 27.65
CA ASN C 177 -26.27 39.60 28.88
C ASN C 177 -25.67 38.42 29.69
N ASN C 178 -25.49 37.28 29.03
CA ASN C 178 -24.78 36.13 29.58
C ASN C 178 -23.63 35.86 28.64
N ARG C 179 -22.48 35.50 29.21
CA ARG C 179 -21.24 35.33 28.48
C ARG C 179 -21.14 33.86 28.11
N ILE C 180 -21.12 33.56 26.81
CA ILE C 180 -21.16 32.18 26.32
C ILE C 180 -19.78 31.68 25.88
N THR C 181 -19.65 30.36 25.80
CA THR C 181 -18.54 29.72 25.13
C THR C 181 -19.10 28.88 23.98
N VAL C 182 -18.32 28.79 22.89
CA VAL C 182 -18.71 28.03 21.70
C VAL C 182 -17.49 27.27 21.19
N ASP C 183 -17.56 25.96 21.21
CA ASP C 183 -16.56 25.11 20.58
C ASP C 183 -17.21 23.82 20.14
N TYR C 184 -16.46 23.03 19.39
CA TYR C 184 -16.92 21.74 18.92
C TYR C 184 -17.20 20.79 20.07
N ALA C 185 -18.32 20.07 19.95
CA ALA C 185 -18.70 19.04 20.90
C ALA C 185 -17.78 17.83 20.86
N PHE C 186 -17.91 17.01 21.89
CA PHE C 186 -17.22 15.74 22.00
C PHE C 186 -17.96 14.78 21.11
N LYS C 187 -17.24 13.83 20.53
CA LYS C 187 -17.88 12.74 19.76
C LYS C 187 -18.62 11.74 20.66
N ASN C 189 -11.52 14.27 22.63
CA ASN C 189 -12.08 13.46 21.54
C ASN C 189 -13.21 14.28 20.80
N GLY C 190 -12.79 15.22 19.95
CA GLY C 190 -13.64 16.31 19.44
C GLY C 190 -14.03 16.29 17.96
N LYS C 191 -15.17 16.89 17.65
CA LYS C 191 -15.57 17.11 16.25
C LYS C 191 -14.73 18.24 15.67
N GLY C 192 -14.54 18.24 14.36
CA GLY C 192 -13.57 19.12 13.70
C GLY C 192 -12.23 18.52 13.33
N ASN C 193 -12.03 17.24 13.62
CA ASN C 193 -10.92 16.40 13.06
C ASN C 193 -10.57 16.66 11.60
N ALA C 194 -9.32 16.46 11.22
CA ALA C 194 -8.89 16.59 9.81
C ALA C 194 -9.74 15.70 8.88
N LYS C 195 -9.96 14.47 9.32
CA LYS C 195 -10.72 13.46 8.57
C LYS C 195 -12.16 13.88 8.22
N TYR C 196 -12.62 15.00 8.74
CA TYR C 196 -13.74 15.72 8.15
C TYR C 196 -13.33 16.60 6.93
N GLY C 197 -12.67 15.93 5.98
CA GLY C 197 -12.89 16.15 4.56
C GLY C 197 -14.05 15.29 4.07
N ASP C 198 -14.55 14.38 4.93
CA ASP C 198 -15.85 13.71 4.70
C ASP C 198 -17.01 14.70 4.62
N ASP C 199 -16.92 15.77 5.40
CA ASP C 199 -17.88 16.87 5.33
C ASP C 199 -17.84 17.50 3.95
N VAL C 200 -16.64 17.80 3.45
CA VAL C 200 -16.46 18.43 2.14
C VAL C 200 -16.99 17.53 1.02
N ASP C 201 -16.65 16.25 1.02
CA ASP C 201 -17.16 15.32 -0.01
C ASP C 201 -18.69 15.25 -0.04
N ARG C 202 -19.30 15.12 1.14
CA ARG C 202 -20.77 15.07 1.23
C ARG C 202 -21.47 16.39 0.83
N LEU C 203 -20.88 17.54 1.14
CA LEU C 203 -21.37 18.84 0.66
C LEU C 203 -21.25 18.99 -0.86
N LEU C 204 -20.10 18.61 -1.41
CA LEU C 204 -19.83 18.56 -2.86
C LEU C 204 -20.89 17.72 -3.58
N ASN C 205 -21.10 16.51 -3.07
CA ASN C 205 -22.03 15.57 -3.69
C ASN C 205 -23.51 15.71 -3.19
N LYS C 206 -23.76 16.72 -2.35
CA LYS C 206 -25.11 17.11 -1.84
C LYS C 206 -25.76 16.02 -1.00
N GLU C 207 -25.01 15.52 -0.01
CA GLU C 207 -25.36 14.32 0.77
C GLU C 207 -25.57 13.09 -0.12
N SER D 5 -10.49 -14.73 0.85
CA SER D 5 -11.01 -14.27 2.18
C SER D 5 -12.35 -14.93 2.54
N ARG D 6 -12.53 -15.19 3.83
CA ARG D 6 -13.60 -16.06 4.34
C ARG D 6 -14.18 -15.50 5.64
N PRO D 7 -15.40 -15.90 6.01
CA PRO D 7 -15.95 -15.57 7.35
C PRO D 7 -15.27 -16.39 8.44
N GLY D 8 -14.68 -15.72 9.42
CA GLY D 8 -13.94 -16.37 10.48
C GLY D 8 -12.47 -16.06 10.45
N ARG D 9 -11.99 -15.53 9.33
CA ARG D 9 -10.61 -15.09 9.18
C ARG D 9 -10.61 -13.57 8.98
N ILE D 10 -9.64 -12.89 9.62
CA ILE D 10 -9.42 -11.47 9.47
C ILE D 10 -7.93 -11.24 9.34
N SER D 11 -7.51 -10.60 8.26
CA SER D 11 -6.07 -10.34 8.03
C SER D 11 -5.48 -9.42 9.07
N GLN D 12 -4.17 -9.53 9.29
CA GLN D 12 -3.44 -8.64 10.21
C GLN D 12 -3.63 -7.15 9.86
N GLU D 13 -3.64 -6.84 8.57
CA GLU D 13 -3.81 -5.45 8.13
C GLU D 13 -5.17 -4.90 8.58
N LEU D 14 -6.24 -5.66 8.38
CA LEU D 14 -7.58 -5.27 8.84
C LEU D 14 -7.68 -5.24 10.36
N ARG D 15 -7.08 -6.22 11.02
CA ARG D 15 -6.97 -6.25 12.48
C ARG D 15 -6.34 -5.00 13.05
N ALA D 16 -5.26 -4.54 12.40
CA ALA D 16 -4.56 -3.31 12.77
C ALA D 16 -5.44 -2.09 12.58
N ILE D 17 -6.19 -2.07 11.49
CA ILE D 17 -7.17 -1.01 11.17
C ILE D 17 -8.32 -1.02 12.18
N MET D 18 -8.70 -2.20 12.65
CA MET D 18 -9.75 -2.36 13.68
C MET D 18 -9.29 -2.11 15.12
N ASN D 19 -7.97 -2.05 15.33
CA ASN D 19 -7.39 -1.93 16.68
C ASN D 19 -7.71 -3.16 17.54
N LEU D 20 -7.73 -4.33 16.91
CA LEU D 20 -8.11 -5.59 17.57
C LEU D 20 -6.86 -6.43 17.87
N PRO D 21 -6.39 -6.42 19.14
CA PRO D 21 -5.19 -7.19 19.47
C PRO D 21 -5.43 -8.70 19.42
N GLU D 22 -4.36 -9.46 19.18
CA GLU D 22 -4.40 -10.93 19.07
C GLU D 22 -5.01 -11.62 20.27
N GLY D 23 -5.66 -12.76 20.01
CA GLY D 23 -6.33 -13.53 21.04
C GLY D 23 -7.57 -12.84 21.60
N GLN D 24 -8.26 -12.09 20.72
CA GLN D 24 -9.50 -11.40 21.09
C GLN D 24 -10.51 -11.54 19.96
N LEU D 25 -11.77 -11.76 20.32
CA LEU D 25 -12.84 -11.93 19.34
C LEU D 25 -13.22 -10.56 18.80
N PRO D 26 -13.55 -10.48 17.49
CA PRO D 26 -13.99 -9.19 16.93
C PRO D 26 -15.21 -8.65 17.65
N PRO D 27 -15.37 -7.31 17.68
CA PRO D 27 -16.38 -6.67 18.57
C PRO D 27 -17.84 -7.07 18.30
N TRP D 28 -18.14 -7.52 17.09
CA TRP D 28 -19.49 -7.96 16.73
C TRP D 28 -19.92 -9.32 17.27
N CYS D 29 -18.96 -10.14 17.72
CA CYS D 29 -19.26 -11.47 18.30
C CYS D 29 -20.08 -11.40 19.59
N MET D 30 -19.87 -10.36 20.40
CA MET D 30 -20.64 -10.18 21.63
C MET D 30 -22.14 -10.05 21.35
N LYS D 31 -22.47 -9.24 20.34
CA LYS D 31 -23.87 -9.07 19.92
C LYS D 31 -24.50 -10.34 19.35
N MET D 32 -23.69 -11.20 18.73
CA MET D 32 -24.16 -12.48 18.21
C MET D 32 -24.67 -13.44 19.29
N LYS D 33 -24.17 -13.31 20.52
CA LYS D 33 -24.71 -14.07 21.67
C LYS D 33 -26.17 -13.71 21.93
N ASP D 34 -26.49 -12.42 21.84
CA ASP D 34 -27.87 -11.93 22.04
C ASP D 34 -28.75 -12.20 20.82
N ILE D 35 -28.30 -11.73 19.66
CA ILE D 35 -29.13 -11.68 18.44
C ILE D 35 -29.11 -13.00 17.64
N GLY D 36 -28.01 -13.74 17.75
CA GLY D 36 -27.87 -15.03 17.10
C GLY D 36 -26.83 -15.00 15.98
N LEU D 37 -26.47 -16.19 15.51
CA LEU D 37 -25.49 -16.36 14.45
C LEU D 37 -25.99 -15.82 13.10
N PRO D 38 -25.07 -15.62 12.13
CA PRO D 38 -25.49 -15.05 10.88
C PRO D 38 -26.49 -15.88 10.12
N THR D 39 -27.55 -15.21 9.67
CA THR D 39 -28.62 -15.79 8.89
C THR D 39 -28.11 -16.46 7.59
N GLY D 40 -27.03 -15.92 7.03
CA GLY D 40 -26.37 -16.50 5.85
C GLY D 40 -25.27 -17.53 6.13
N TYR D 41 -25.00 -17.83 7.41
CA TYR D 41 -23.99 -18.81 7.81
C TYR D 41 -24.53 -19.68 8.95
N PRO D 42 -25.52 -20.53 8.67
CA PRO D 42 -26.07 -21.35 9.75
C PRO D 42 -25.04 -22.28 10.41
N ASP D 43 -23.96 -22.60 9.71
CA ASP D 43 -22.92 -23.50 10.19
C ASP D 43 -21.64 -22.82 10.63
N LEU D 44 -21.71 -21.51 10.88
CA LEU D 44 -20.57 -20.75 11.42
C LEU D 44 -20.29 -21.17 12.85
N LYS D 45 -19.03 -21.51 13.11
CA LYS D 45 -18.52 -21.74 14.48
C LYS D 45 -17.60 -20.60 14.87
N ILE D 46 -17.83 -20.03 16.05
CA ILE D 46 -17.00 -18.95 16.60
C ILE D 46 -16.39 -19.41 17.92
N ALA D 47 -15.06 -19.30 18.00
CA ALA D 47 -14.29 -19.68 19.20
C ALA D 47 -14.80 -18.94 20.45
N GLY D 48 -15.13 -19.68 21.50
CA GLY D 48 -15.67 -19.11 22.73
C GLY D 48 -17.20 -19.01 22.78
N LEU D 49 -17.88 -19.19 21.65
CA LEU D 49 -19.35 -19.14 21.58
C LEU D 49 -19.88 -20.54 21.39
N ASN D 50 -19.55 -21.15 20.24
CA ASN D 50 -19.94 -22.53 19.91
C ASN D 50 -18.79 -23.32 19.24
N TRP D 51 -17.57 -23.01 19.66
CA TRP D 51 -16.34 -23.60 19.11
C TRP D 51 -15.28 -23.41 20.18
N ASP D 52 -14.44 -24.41 20.39
CA ASP D 52 -13.52 -24.32 21.51
C ASP D 52 -12.55 -23.12 21.33
N ILE D 53 -12.42 -22.33 22.39
CA ILE D 53 -11.54 -21.16 22.44
C ILE D 53 -10.10 -21.44 21.98
N THR D 54 -9.65 -22.68 22.16
CA THR D 54 -8.35 -23.14 21.62
C THR D 54 -8.15 -22.90 20.11
N ASN D 55 -9.24 -22.83 19.35
CA ASN D 55 -9.20 -22.58 17.91
C ASN D 55 -8.99 -21.10 17.51
N LEU D 56 -9.10 -20.18 18.46
CA LEU D 56 -8.83 -18.74 18.22
C LEU D 56 -7.32 -18.52 18.12
N LYS D 57 -6.80 -18.68 16.90
CA LYS D 57 -5.36 -18.56 16.64
C LYS D 57 -5.12 -17.71 15.40
N GLY D 58 -4.17 -16.78 15.50
CA GLY D 58 -3.68 -16.03 14.35
C GLY D 58 -4.74 -15.10 13.77
N ASP D 59 -5.07 -15.31 12.51
CA ASP D 59 -6.15 -14.58 11.85
C ASP D 59 -7.54 -15.21 12.08
N VAL D 60 -7.57 -16.45 12.58
CA VAL D 60 -8.80 -17.23 12.70
C VAL D 60 -9.49 -17.02 14.07
N TYR D 61 -10.77 -16.64 14.05
CA TYR D 61 -11.65 -16.66 15.23
C TYR D 61 -12.88 -17.57 15.05
N GLY D 62 -13.11 -18.01 13.81
CA GLY D 62 -14.26 -18.85 13.48
C GLY D 62 -14.07 -19.56 12.15
N LYS D 63 -15.00 -20.43 11.83
CA LYS D 63 -14.95 -21.21 10.59
C LYS D 63 -16.32 -21.83 10.34
N ILE D 64 -16.74 -21.89 9.08
CA ILE D 64 -17.97 -22.58 8.71
C ILE D 64 -17.70 -24.08 8.67
N ILE D 65 -18.17 -24.77 9.72
CA ILE D 65 -18.06 -26.22 9.80
C ILE D 65 -19.46 -26.78 10.05
N PRO D 66 -19.96 -27.63 9.12
CA PRO D 66 -21.16 -28.41 9.49
C PRO D 66 -20.70 -29.64 10.30
N GLY E 10 -5.59 -20.84 -49.67
CA GLY E 10 -4.19 -21.33 -49.52
C GLY E 10 -3.78 -21.42 -48.06
N ASN E 11 -3.61 -20.24 -47.43
CA ASN E 11 -3.24 -20.16 -46.00
C ASN E 11 -4.44 -20.31 -45.03
N THR E 12 -5.65 -20.41 -45.59
CA THR E 12 -6.88 -20.32 -44.83
C THR E 12 -7.68 -21.62 -44.94
N VAL E 13 -8.29 -22.03 -43.81
CA VAL E 13 -9.06 -23.27 -43.72
C VAL E 13 -10.50 -22.98 -43.29
N TYR E 14 -11.44 -23.79 -43.78
CA TYR E 14 -12.84 -23.73 -43.35
C TYR E 14 -13.05 -24.68 -42.17
N VAL E 15 -13.56 -24.15 -41.06
CA VAL E 15 -13.91 -24.98 -39.91
C VAL E 15 -15.43 -25.09 -39.82
N GLY E 16 -15.93 -26.30 -39.74
CA GLY E 16 -17.37 -26.59 -39.67
C GLY E 16 -17.76 -27.27 -38.38
N ASN E 17 -19.04 -27.18 -38.05
CA ASN E 17 -19.69 -27.94 -36.98
C ASN E 17 -19.29 -27.48 -35.57
N ILE E 18 -19.36 -26.15 -35.39
CA ILE E 18 -18.97 -25.50 -34.17
C ILE E 18 -20.22 -25.20 -33.36
N ASP E 19 -20.29 -25.69 -32.13
CA ASP E 19 -21.44 -25.37 -31.28
C ASP E 19 -21.52 -23.83 -31.13
N PRO E 20 -22.72 -23.25 -31.29
CA PRO E 20 -22.82 -21.77 -31.30
C PRO E 20 -22.43 -21.06 -30.00
N ARG E 21 -22.34 -21.80 -28.90
CA ARG E 21 -21.86 -21.25 -27.63
C ARG E 21 -20.34 -21.01 -27.61
N ILE E 22 -19.62 -21.64 -28.54
CA ILE E 22 -18.16 -21.50 -28.61
C ILE E 22 -17.81 -20.06 -28.96
N THR E 23 -16.96 -19.43 -28.14
CA THR E 23 -16.52 -18.06 -28.38
C THR E 23 -15.26 -18.01 -29.23
N LYS E 24 -14.97 -16.82 -29.75
CA LYS E 24 -13.83 -16.58 -30.62
C LYS E 24 -12.50 -16.72 -29.91
N GLU E 25 -12.43 -16.21 -28.67
CA GLU E 25 -11.24 -16.40 -27.82
C GLU E 25 -10.91 -17.89 -27.76
N GLN E 26 -11.94 -18.71 -27.55
CA GLN E 26 -11.79 -20.17 -27.41
C GLN E 26 -11.34 -20.86 -28.70
N LEU E 27 -11.82 -20.38 -29.84
CA LEU E 27 -11.35 -20.86 -31.13
C LEU E 27 -9.88 -20.56 -31.34
N TYR E 28 -9.47 -19.34 -31.00
CA TYR E 28 -8.06 -18.96 -31.03
C TYR E 28 -7.26 -19.87 -30.11
N GLU E 29 -7.72 -20.02 -28.87
CA GLU E 29 -6.98 -20.85 -27.89
C GLU E 29 -6.80 -22.30 -28.38
N LEU E 30 -7.78 -22.82 -29.11
CA LEU E 30 -7.73 -24.19 -29.62
C LEU E 30 -6.75 -24.31 -30.78
N PHE E 31 -6.93 -23.47 -31.79
CA PHE E 31 -6.14 -23.57 -33.02
C PHE E 31 -4.68 -23.08 -32.90
N ILE E 32 -4.33 -22.30 -31.88
CA ILE E 32 -2.91 -21.98 -31.66
C ILE E 32 -2.11 -23.16 -31.08
N GLN E 33 -2.81 -24.21 -30.63
CA GLN E 33 -2.15 -25.47 -30.24
C GLN E 33 -1.60 -26.21 -31.47
N ILE E 34 -2.20 -25.95 -32.62
CA ILE E 34 -1.93 -26.64 -33.88
C ILE E 34 -0.93 -25.88 -34.75
N ASN E 35 -1.06 -24.56 -34.79
CA ASN E 35 -0.09 -23.69 -35.45
C ASN E 35 -0.42 -22.23 -35.15
N PRO E 36 0.55 -21.31 -35.33
CA PRO E 36 0.25 -19.90 -35.05
C PRO E 36 -0.77 -19.34 -36.03
N VAL E 37 -1.67 -18.51 -35.52
CA VAL E 37 -2.86 -18.09 -36.25
C VAL E 37 -2.78 -16.60 -36.55
N LEU E 38 -3.04 -16.24 -37.81
CA LEU E 38 -2.99 -14.84 -38.23
C LEU E 38 -4.30 -14.13 -37.85
N ARG E 39 -5.42 -14.59 -38.40
CA ARG E 39 -6.75 -14.08 -38.00
C ARG E 39 -7.83 -15.14 -38.10
N ILE E 40 -8.96 -14.83 -37.49
CA ILE E 40 -10.15 -15.69 -37.48
C ILE E 40 -11.36 -14.85 -37.91
N LYS E 41 -12.08 -15.31 -38.94
CA LYS E 41 -13.41 -14.78 -39.27
C LYS E 41 -14.43 -15.81 -38.75
N TYR E 42 -15.19 -15.40 -37.74
CA TYR E 42 -16.13 -16.24 -37.04
C TYR E 42 -17.45 -15.47 -36.99
N PRO E 43 -18.33 -15.64 -38.00
CA PRO E 43 -19.62 -14.90 -38.05
C PRO E 43 -20.63 -15.19 -36.94
N LYS E 44 -21.21 -14.14 -36.40
CA LYS E 44 -22.18 -14.21 -35.30
C LYS E 44 -23.59 -13.92 -35.81
N ASP E 45 -24.53 -14.81 -35.56
CA ASP E 45 -25.95 -14.51 -35.66
C ASP E 45 -26.35 -13.50 -34.54
N LYS E 46 -26.75 -12.31 -34.99
CA LYS E 46 -27.04 -11.20 -34.07
C LYS E 46 -28.36 -11.33 -33.34
N VAL E 47 -29.31 -12.05 -33.91
CA VAL E 47 -30.63 -12.27 -33.31
C VAL E 47 -30.52 -13.13 -32.06
N LEU E 48 -29.82 -14.26 -32.20
CA LEU E 48 -29.62 -15.22 -31.10
C LEU E 48 -28.38 -14.91 -30.24
N GLN E 49 -27.53 -14.00 -30.70
CA GLN E 49 -26.26 -13.68 -30.02
C GLN E 49 -25.39 -14.93 -29.77
N ALA E 50 -25.51 -15.90 -30.68
CA ALA E 50 -24.72 -17.08 -30.80
C ALA E 50 -24.10 -16.99 -32.20
N TYR E 51 -23.14 -17.88 -32.47
CA TYR E 51 -22.55 -17.94 -33.77
C TYR E 51 -23.32 -18.90 -34.64
N GLN E 52 -22.86 -19.09 -35.88
CA GLN E 52 -23.61 -19.73 -36.96
C GLN E 52 -23.12 -21.13 -37.32
N GLY E 53 -22.14 -21.65 -36.60
CA GLY E 53 -21.65 -23.02 -36.83
C GLY E 53 -20.32 -23.20 -37.53
N TYR E 54 -19.83 -22.18 -38.22
CA TYR E 54 -18.59 -22.31 -38.99
C TYR E 54 -17.67 -21.12 -38.78
N ALA E 55 -16.38 -21.32 -39.08
CA ALA E 55 -15.43 -20.22 -39.12
C ALA E 55 -14.39 -20.40 -40.20
N PHE E 56 -13.65 -19.32 -40.43
CA PHE E 56 -12.52 -19.29 -41.36
C PHE E 56 -11.28 -18.93 -40.56
N ILE E 57 -10.30 -19.83 -40.56
CA ILE E 57 -9.08 -19.60 -39.80
C ILE E 57 -7.91 -19.45 -40.78
N GLU E 58 -7.27 -18.28 -40.70
CA GLU E 58 -6.15 -17.96 -41.56
C GLU E 58 -4.82 -18.15 -40.84
N PHE E 59 -4.01 -19.07 -41.37
CA PHE E 59 -2.64 -19.29 -40.88
C PHE E 59 -1.67 -18.41 -41.68
N TYR E 60 -0.39 -18.47 -41.33
CA TYR E 60 0.64 -17.63 -41.95
C TYR E 60 1.12 -18.10 -43.33
N ASN E 61 0.86 -19.37 -43.68
CA ASN E 61 1.33 -19.94 -44.94
C ASN E 61 0.58 -21.21 -45.29
N GLN E 62 0.75 -21.68 -46.52
CA GLN E 62 0.05 -22.88 -46.99
C GLN E 62 0.41 -24.14 -46.18
N GLY E 63 1.68 -24.27 -45.78
CA GLY E 63 2.15 -25.45 -45.05
C GLY E 63 1.48 -25.67 -43.71
N ASP E 64 1.39 -24.60 -42.92
CA ASP E 64 0.74 -24.65 -41.60
C ASP E 64 -0.73 -25.03 -41.72
N ALA E 65 -1.41 -24.40 -42.68
CA ALA E 65 -2.80 -24.74 -42.99
C ALA E 65 -2.95 -26.22 -43.32
N GLN E 66 -2.13 -26.72 -44.25
CA GLN E 66 -2.21 -28.12 -44.66
C GLN E 66 -1.97 -29.04 -43.45
N TYR E 67 -0.99 -28.67 -42.61
CA TYR E 67 -0.74 -29.38 -41.36
C TYR E 67 -2.00 -29.44 -40.49
N ALA E 68 -2.60 -28.28 -40.30
CA ALA E 68 -3.80 -28.13 -39.48
C ALA E 68 -4.93 -29.02 -39.95
N ILE E 69 -5.13 -29.10 -41.26
CA ILE E 69 -6.20 -29.93 -41.84
C ILE E 69 -5.94 -31.41 -41.54
N LYS E 70 -4.70 -31.85 -41.70
CA LYS E 70 -4.33 -33.24 -41.39
C LYS E 70 -4.57 -33.58 -39.92
N ILE E 71 -4.14 -32.71 -39.01
CA ILE E 71 -4.20 -32.97 -37.57
C ILE E 71 -5.60 -32.79 -36.98
N MET E 72 -6.26 -31.69 -37.32
CA MET E 72 -7.51 -31.27 -36.69
C MET E 72 -8.78 -31.93 -37.19
N ASN E 73 -8.75 -32.49 -38.40
CA ASN E 73 -9.98 -32.97 -39.00
C ASN E 73 -10.41 -34.27 -38.32
N ASN E 74 -11.59 -34.21 -37.71
CA ASN E 74 -12.17 -35.32 -36.95
C ASN E 74 -11.24 -35.85 -35.86
N THR E 75 -10.77 -34.92 -35.04
CA THR E 75 -10.04 -35.20 -33.79
C THR E 75 -10.64 -34.56 -32.55
N VAL E 76 -11.23 -33.37 -32.69
CA VAL E 76 -11.69 -32.58 -31.54
C VAL E 76 -13.22 -32.50 -31.47
N ARG E 77 -13.74 -32.83 -30.29
CA ARG E 77 -15.13 -32.65 -29.97
C ARG E 77 -15.24 -31.43 -29.07
N LEU E 78 -16.03 -30.43 -29.48
CA LEU E 78 -16.40 -29.28 -28.65
C LEU E 78 -17.89 -29.36 -28.35
N TYR E 79 -18.26 -29.25 -27.07
CA TYR E 79 -19.61 -29.58 -26.58
C TYR E 79 -20.10 -30.91 -27.16
N ASP E 80 -19.22 -31.91 -27.16
CA ASP E 80 -19.50 -33.24 -27.67
C ASP E 80 -19.59 -33.43 -29.20
N ARG E 81 -19.64 -32.34 -29.98
CA ARG E 81 -19.77 -32.43 -31.43
C ARG E 81 -18.43 -32.37 -32.15
N LEU E 82 -18.24 -33.27 -33.12
CA LEU E 82 -16.97 -33.42 -33.83
C LEU E 82 -16.73 -32.29 -34.83
N ILE E 83 -15.65 -31.55 -34.64
CA ILE E 83 -15.23 -30.46 -35.55
C ILE E 83 -14.69 -31.00 -36.88
N LYS E 84 -15.01 -30.32 -37.97
CA LYS E 84 -14.49 -30.60 -39.31
C LYS E 84 -13.58 -29.44 -39.76
N VAL E 85 -12.47 -29.77 -40.43
CA VAL E 85 -11.56 -28.78 -41.00
C VAL E 85 -11.26 -29.16 -42.47
N ARG E 86 -11.58 -28.26 -43.40
CA ARG E 86 -11.27 -28.45 -44.83
C ARG E 86 -10.59 -27.21 -45.39
N GLN E 87 -9.85 -27.38 -46.48
CA GLN E 87 -9.21 -26.24 -47.18
C GLN E 87 -10.20 -25.49 -48.06
N VAL E 88 -9.90 -24.22 -48.33
CA VAL E 88 -10.70 -23.37 -49.20
C VAL E 88 -9.85 -22.17 -49.61
N PRO E 108 -23.83 -30.41 -42.41
CA PRO E 108 -24.80 -29.85 -41.46
C PRO E 108 -26.22 -30.03 -42.04
N ILE E 109 -26.61 -31.29 -42.20
CA ILE E 109 -27.69 -31.67 -43.11
C ILE E 109 -28.60 -32.73 -42.54
N ALA E 110 -29.76 -32.91 -43.18
CA ALA E 110 -30.77 -33.84 -42.71
C ALA E 110 -30.63 -35.18 -43.42
N LYS E 111 -29.94 -36.12 -42.78
CA LYS E 111 -29.66 -37.43 -43.35
C LYS E 111 -30.57 -38.47 -42.72
N LEU E 112 -31.38 -39.11 -43.57
CA LEU E 112 -32.35 -40.10 -43.18
C LEU E 112 -31.88 -41.49 -43.54
N PHE E 113 -32.23 -42.46 -42.71
CA PHE E 113 -31.96 -43.87 -42.94
C PHE E 113 -33.28 -44.48 -43.39
N ILE E 114 -33.28 -45.13 -44.55
CA ILE E 114 -34.48 -45.80 -45.07
C ILE E 114 -34.22 -47.29 -45.14
N LYS E 115 -35.14 -48.08 -44.59
CA LYS E 115 -34.95 -49.51 -44.40
C LYS E 115 -36.05 -50.31 -45.09
N ASN E 116 -35.65 -51.43 -45.71
CA ASN E 116 -36.57 -52.39 -46.34
C ASN E 116 -37.16 -51.90 -47.68
N LEU E 117 -36.28 -51.50 -48.58
CA LEU E 117 -36.68 -51.14 -49.95
C LEU E 117 -36.99 -52.41 -50.76
N ALA E 118 -37.94 -52.30 -51.68
CA ALA E 118 -38.17 -53.33 -52.68
C ALA E 118 -37.04 -53.35 -53.68
N ASP E 119 -36.82 -54.49 -54.32
CA ASP E 119 -35.86 -54.62 -55.43
C ASP E 119 -36.12 -53.56 -56.51
N SER E 120 -37.40 -53.36 -56.80
CA SER E 120 -37.86 -52.39 -57.80
C SER E 120 -37.42 -50.94 -57.55
N ILE E 121 -37.18 -50.56 -56.31
CA ILE E 121 -36.91 -49.16 -55.94
C ILE E 121 -35.48 -48.78 -56.30
N ASP E 122 -35.34 -48.21 -57.50
CA ASP E 122 -34.13 -47.57 -58.00
C ASP E 122 -33.63 -46.46 -57.06
N SER E 123 -32.39 -46.05 -57.28
CA SER E 123 -31.90 -44.76 -56.83
C SER E 123 -32.74 -43.59 -57.36
N ASP E 124 -33.17 -43.68 -58.62
CA ASP E 124 -34.03 -42.66 -59.24
C ASP E 124 -35.42 -42.52 -58.62
N GLN E 125 -36.06 -43.64 -58.28
CA GLN E 125 -37.36 -43.59 -57.60
C GLN E 125 -37.26 -42.99 -56.21
N LEU E 126 -36.17 -43.26 -55.49
CA LEU E 126 -35.91 -42.58 -54.22
C LEU E 126 -35.86 -41.06 -54.44
N VAL E 127 -35.15 -40.62 -55.47
CA VAL E 127 -35.09 -39.19 -55.78
C VAL E 127 -36.49 -38.64 -56.01
N LYS E 128 -37.30 -39.34 -56.81
CA LYS E 128 -38.67 -38.91 -57.09
C LYS E 128 -39.60 -38.94 -55.87
N ILE E 129 -39.42 -39.93 -54.98
CA ILE E 129 -40.28 -40.06 -53.79
C ILE E 129 -39.99 -38.95 -52.77
N PHE E 130 -38.72 -38.63 -52.58
CA PHE E 130 -38.31 -37.64 -51.58
C PHE E 130 -38.22 -36.19 -52.11
N ASN E 131 -37.98 -36.03 -53.42
CA ASN E 131 -38.06 -34.69 -54.09
C ASN E 131 -39.24 -33.83 -53.69
N LYS E 132 -40.42 -34.44 -53.72
CA LYS E 132 -41.70 -33.74 -53.48
C LYS E 132 -41.78 -33.10 -52.10
N PHE E 133 -41.05 -33.67 -51.13
CA PHE E 133 -40.95 -33.13 -49.78
C PHE E 133 -39.91 -32.01 -49.60
N GLY E 134 -38.90 -31.93 -50.47
CA GLY E 134 -37.87 -30.87 -50.40
C GLY E 134 -36.59 -31.17 -51.16
N LYS E 135 -35.69 -30.20 -51.24
CA LYS E 135 -34.46 -30.33 -52.02
C LYS E 135 -33.46 -31.30 -51.37
N LEU E 136 -32.84 -32.13 -52.22
CA LEU E 136 -31.86 -33.13 -51.79
C LEU E 136 -30.47 -32.61 -52.12
N ILE E 137 -29.54 -32.74 -51.18
CA ILE E 137 -28.20 -32.18 -51.36
C ILE E 137 -27.35 -32.98 -52.35
N ARG E 138 -27.46 -34.31 -52.28
CA ARG E 138 -26.78 -35.23 -53.16
C ARG E 138 -27.77 -36.33 -53.54
N GLU E 139 -27.34 -37.27 -54.39
CA GLU E 139 -28.16 -38.44 -54.72
C GLU E 139 -28.17 -39.43 -53.55
N PRO E 140 -29.13 -40.37 -53.52
CA PRO E 140 -29.13 -41.37 -52.43
C PRO E 140 -27.96 -42.36 -52.51
N GLU E 141 -27.62 -42.98 -51.38
CA GLU E 141 -26.66 -44.08 -51.32
C GLU E 141 -27.38 -45.33 -50.86
N ILE E 142 -27.33 -46.36 -51.69
CA ILE E 142 -28.00 -47.63 -51.43
C ILE E 142 -27.00 -48.65 -50.86
N PHE E 143 -27.46 -49.42 -49.88
CA PHE E 143 -26.67 -50.49 -49.29
C PHE E 143 -27.56 -51.57 -48.67
N TYR E 144 -26.95 -52.71 -48.37
CA TYR E 144 -27.65 -53.91 -47.96
C TYR E 144 -27.12 -54.40 -46.62
N LEU E 145 -28.03 -54.67 -45.68
CA LEU E 145 -27.70 -55.31 -44.41
C LEU E 145 -28.25 -56.74 -44.42
N SER E 146 -28.00 -57.48 -43.33
CA SER E 146 -28.56 -58.81 -43.06
C SER E 146 -28.49 -59.79 -44.23
N LYS E 149 -29.93 -59.08 -48.04
CA LYS E 149 -31.36 -59.33 -47.86
C LYS E 149 -32.18 -58.05 -47.64
N LEU E 150 -31.69 -57.21 -46.73
CA LEU E 150 -32.41 -55.99 -46.34
C LEU E 150 -31.85 -54.77 -47.07
N LYS E 151 -32.57 -54.32 -48.10
CA LYS E 151 -32.15 -53.20 -48.93
C LYS E 151 -32.48 -51.90 -48.22
N CYS E 152 -31.45 -51.07 -48.03
CA CYS E 152 -31.55 -49.80 -47.32
C CYS E 152 -31.01 -48.65 -48.17
N ALA E 153 -31.18 -47.43 -47.69
CA ALA E 153 -30.65 -46.24 -48.35
C ALA E 153 -30.41 -45.11 -47.37
N TYR E 154 -29.45 -44.24 -47.70
CA TYR E 154 -29.33 -42.93 -47.08
C TYR E 154 -29.87 -41.88 -48.02
N VAL E 155 -30.63 -40.95 -47.48
CA VAL E 155 -31.22 -39.84 -48.25
C VAL E 155 -30.88 -38.56 -47.51
N TYR E 156 -30.46 -37.56 -48.28
CA TYR E 156 -29.81 -36.37 -47.76
C TYR E 156 -30.64 -35.14 -48.11
N PHE E 157 -31.29 -34.56 -47.11
CA PHE E 157 -32.14 -33.38 -47.28
C PHE E 157 -31.38 -32.13 -46.90
N GLU E 158 -31.62 -31.04 -47.63
CA GLU E 158 -31.15 -29.70 -47.28
C GLU E 158 -31.64 -29.24 -45.90
N ASP E 159 -32.89 -29.56 -45.58
CA ASP E 159 -33.66 -28.91 -44.51
C ASP E 159 -34.27 -29.97 -43.57
N PHE E 160 -34.06 -29.80 -42.26
CA PHE E 160 -34.68 -30.68 -41.28
C PHE E 160 -36.22 -30.54 -41.25
N GLU E 161 -36.72 -29.37 -41.59
CA GLU E 161 -38.16 -29.12 -41.70
C GLU E 161 -38.78 -30.00 -42.79
N LYS E 162 -38.06 -30.13 -43.90
CA LYS E 162 -38.50 -30.94 -45.06
C LYS E 162 -38.32 -32.42 -44.78
N ALA E 163 -37.17 -32.78 -44.20
CA ALA E 163 -36.93 -34.13 -43.69
C ALA E 163 -38.03 -34.65 -42.76
N ASP E 164 -38.53 -33.79 -41.88
CA ASP E 164 -39.62 -34.14 -40.97
C ASP E 164 -40.91 -34.51 -41.71
N LEU E 165 -41.27 -33.73 -42.74
CA LEU E 165 -42.44 -34.05 -43.58
C LEU E 165 -42.32 -35.44 -44.17
N ALA E 166 -41.16 -35.73 -44.77
CA ALA E 166 -40.89 -37.05 -45.38
C ALA E 166 -41.01 -38.22 -44.39
N ILE E 167 -40.52 -38.02 -43.17
CA ILE E 167 -40.67 -39.01 -42.10
C ILE E 167 -42.15 -39.25 -41.80
N LYS E 168 -42.85 -38.17 -41.43
CA LYS E 168 -44.28 -38.22 -41.12
C LYS E 168 -45.08 -38.96 -42.20
N SER E 169 -44.85 -38.59 -43.46
CA SER E 169 -45.56 -39.17 -44.59
C SER E 169 -45.17 -40.60 -44.98
N LEU E 170 -43.89 -40.97 -44.83
CA LEU E 170 -43.38 -42.25 -45.37
C LEU E 170 -42.91 -43.30 -44.34
N ASN E 171 -42.69 -42.93 -43.08
CA ASN E 171 -42.35 -43.91 -42.03
C ASN E 171 -43.50 -44.90 -41.86
N ASN E 172 -43.18 -46.18 -41.81
CA ASN E 172 -44.15 -47.26 -41.63
C ASN E 172 -45.21 -47.35 -42.74
N GLN E 173 -44.80 -47.05 -43.96
CA GLN E 173 -45.71 -47.07 -45.12
C GLN E 173 -45.26 -48.06 -46.16
N LEU E 174 -46.20 -48.39 -47.04
CA LEU E 174 -46.03 -49.41 -48.05
C LEU E 174 -45.57 -48.75 -49.34
N VAL E 175 -44.41 -49.16 -49.82
CA VAL E 175 -43.88 -48.69 -51.11
C VAL E 175 -43.42 -49.95 -51.84
N ALA E 176 -43.88 -50.11 -53.08
CA ALA E 176 -43.67 -51.32 -53.86
C ALA E 176 -43.88 -52.61 -53.03
N ASN E 177 -44.99 -52.63 -52.29
CA ASN E 177 -45.39 -53.81 -51.50
C ASN E 177 -44.41 -54.27 -50.41
N ASN E 178 -43.49 -53.38 -50.01
CA ASN E 178 -42.62 -53.57 -48.87
C ASN E 178 -42.91 -52.42 -47.91
N ARG E 179 -42.86 -52.72 -46.63
CA ARG E 179 -43.18 -51.76 -45.58
C ARG E 179 -41.87 -51.17 -45.11
N ILE E 180 -41.71 -49.85 -45.29
CA ILE E 180 -40.46 -49.16 -44.98
C ILE E 180 -40.49 -48.45 -43.64
N THR E 181 -39.30 -48.17 -43.12
CA THR E 181 -39.14 -47.26 -41.99
C THR E 181 -38.27 -46.09 -42.43
N VAL E 182 -38.56 -44.91 -41.89
CA VAL E 182 -37.82 -43.69 -42.21
C VAL E 182 -37.57 -42.91 -40.93
N ASP E 183 -36.32 -42.81 -40.55
CA ASP E 183 -35.92 -41.99 -39.41
C ASP E 183 -34.53 -41.44 -39.69
N TYR E 184 -34.12 -40.52 -38.83
CA TYR E 184 -32.81 -39.91 -38.94
C TYR E 184 -31.72 -40.94 -38.71
N ALA E 185 -30.67 -40.85 -39.53
CA ALA E 185 -29.50 -41.70 -39.40
C ALA E 185 -28.69 -41.36 -38.15
N PHE E 186 -27.74 -42.23 -37.85
CA PHE E 186 -27.00 -42.19 -36.55
C PHE E 186 -26.08 -41.06 -36.07
N LYS E 187 -25.06 -40.67 -36.84
CA LYS E 187 -24.06 -39.73 -36.34
C LYS E 187 -24.58 -38.32 -36.29
N LYS E 191 -28.88 -37.78 -35.88
CA LYS E 191 -29.17 -36.52 -36.59
C LYS E 191 -30.58 -36.03 -36.27
N GLY E 192 -30.78 -34.74 -36.32
CA GLY E 192 -32.03 -34.11 -35.84
C GLY E 192 -32.01 -33.48 -34.48
N ASN E 193 -30.88 -33.58 -33.77
CA ASN E 193 -30.58 -32.83 -32.53
C ASN E 193 -31.00 -31.37 -32.54
N ALA E 194 -31.28 -30.83 -31.36
CA ALA E 194 -31.60 -29.41 -31.20
C ALA E 194 -30.52 -28.51 -31.80
N LYS E 195 -29.26 -28.85 -31.56
CA LYS E 195 -28.14 -28.00 -32.01
C LYS E 195 -28.01 -27.91 -33.55
N TYR E 196 -28.88 -28.65 -34.23
CA TYR E 196 -28.96 -28.61 -35.67
C TYR E 196 -29.60 -27.28 -36.13
N GLY E 197 -29.61 -26.27 -35.24
CA GLY E 197 -30.13 -24.95 -35.55
C GLY E 197 -29.20 -24.56 -36.66
N ASP E 198 -27.96 -25.00 -36.48
CA ASP E 198 -26.92 -24.85 -37.52
C ASP E 198 -27.45 -25.02 -38.92
N ASP E 199 -28.43 -25.90 -39.08
CA ASP E 199 -29.14 -26.06 -40.34
C ASP E 199 -29.84 -24.77 -40.74
N VAL E 200 -30.56 -24.18 -39.77
CA VAL E 200 -31.32 -22.96 -40.00
C VAL E 200 -30.39 -21.80 -40.37
N ASP E 201 -29.31 -21.62 -39.61
CA ASP E 201 -28.35 -20.53 -39.91
C ASP E 201 -27.75 -20.66 -41.31
N ARG E 202 -27.33 -21.86 -41.69
CA ARG E 202 -26.76 -22.09 -43.02
C ARG E 202 -27.78 -21.95 -44.17
N LEU E 203 -29.04 -22.33 -43.96
CA LEU E 203 -30.12 -22.05 -44.93
C LEU E 203 -30.38 -20.54 -45.09
N LEU E 204 -30.48 -19.84 -43.95
CA LEU E 204 -30.65 -18.38 -43.91
C LEU E 204 -29.53 -17.69 -44.68
N ASN E 205 -28.29 -18.06 -44.39
CA ASN E 205 -27.13 -17.42 -45.00
C ASN E 205 -26.66 -18.08 -46.32
N LYS E 206 -27.42 -19.06 -46.83
CA LYS E 206 -27.15 -19.75 -48.12
C LYS E 206 -25.80 -20.49 -48.15
N GLU E 207 -25.60 -21.34 -47.14
CA GLU E 207 -24.32 -21.97 -46.81
C GLU E 207 -23.25 -20.93 -46.50
N SER F 5 -3.17 -16.78 -24.33
CA SER F 5 -3.10 -18.22 -24.76
C SER F 5 -1.74 -18.57 -25.35
N ARG F 6 -1.29 -19.80 -25.05
CA ARG F 6 -0.03 -20.32 -25.57
C ARG F 6 -0.20 -21.77 -26.03
N PRO F 7 0.68 -22.24 -26.95
CA PRO F 7 0.67 -23.66 -27.35
C PRO F 7 1.25 -24.55 -26.25
N GLY F 8 0.48 -25.53 -25.78
CA GLY F 8 0.89 -26.39 -24.69
C GLY F 8 0.08 -26.19 -23.42
N ARG F 9 -0.64 -25.08 -23.34
CA ARG F 9 -1.54 -24.79 -22.23
C ARG F 9 -2.98 -24.78 -22.78
N ILE F 10 -3.89 -25.37 -22.02
CA ILE F 10 -5.33 -25.34 -22.31
C ILE F 10 -6.06 -24.96 -21.04
N SER F 11 -6.80 -23.85 -21.11
CA SER F 11 -7.51 -23.33 -19.95
C SER F 11 -8.61 -24.32 -19.52
N GLN F 12 -8.97 -24.24 -18.24
CA GLN F 12 -10.06 -25.05 -17.66
C GLN F 12 -11.37 -24.89 -18.43
N GLU F 13 -11.68 -23.66 -18.84
CA GLU F 13 -12.92 -23.39 -19.59
C GLU F 13 -12.96 -24.18 -20.90
N LEU F 14 -11.86 -24.14 -21.67
CA LEU F 14 -11.77 -24.90 -22.91
C LEU F 14 -11.73 -26.41 -22.67
N ARG F 15 -11.01 -26.82 -21.63
CA ARG F 15 -11.00 -28.22 -21.18
C ARG F 15 -12.38 -28.76 -20.88
N ALA F 16 -13.20 -27.95 -20.21
CA ALA F 16 -14.59 -28.29 -19.91
C ALA F 16 -15.43 -28.43 -21.16
N ILE F 17 -15.20 -27.51 -22.11
CA ILE F 17 -15.85 -27.54 -23.43
C ILE F 17 -15.40 -28.78 -24.24
N MET F 18 -14.15 -29.18 -24.08
CA MET F 18 -13.61 -30.38 -24.74
C MET F 18 -13.97 -31.71 -24.08
N ASN F 19 -14.46 -31.67 -22.84
CA ASN F 19 -14.61 -32.87 -21.99
C ASN F 19 -13.26 -33.58 -21.74
N LEU F 20 -12.18 -32.80 -21.64
CA LEU F 20 -10.82 -33.31 -21.43
C LEU F 20 -10.40 -33.06 -19.98
N PRO F 21 -10.48 -34.10 -19.10
CA PRO F 21 -10.06 -33.86 -17.70
C PRO F 21 -8.56 -33.66 -17.56
N GLU F 22 -8.15 -32.93 -16.52
CA GLU F 22 -6.72 -32.60 -16.30
C GLU F 22 -5.83 -33.81 -16.17
N GLY F 23 -4.57 -33.66 -16.56
CA GLY F 23 -3.60 -34.78 -16.58
C GLY F 23 -3.94 -35.82 -17.63
N GLN F 24 -4.46 -35.34 -18.76
CA GLN F 24 -4.70 -36.15 -19.97
C GLN F 24 -4.28 -35.34 -21.21
N LEU F 25 -3.66 -36.01 -22.17
CA LEU F 25 -3.18 -35.34 -23.38
C LEU F 25 -4.37 -35.05 -24.31
N PRO F 26 -4.36 -33.87 -24.96
CA PRO F 26 -5.45 -33.57 -25.90
C PRO F 26 -5.48 -34.59 -27.05
N PRO F 27 -6.67 -34.80 -27.64
CA PRO F 27 -6.87 -35.90 -28.61
C PRO F 27 -5.99 -35.84 -29.88
N TRP F 28 -5.53 -34.64 -30.23
CA TRP F 28 -4.68 -34.45 -31.41
C TRP F 28 -3.22 -34.88 -31.26
N CYS F 29 -2.76 -35.08 -30.02
CA CYS F 29 -1.38 -35.52 -29.75
C CYS F 29 -1.04 -36.91 -30.30
N MET F 30 -2.03 -37.81 -30.32
CA MET F 30 -1.84 -39.15 -30.88
C MET F 30 -1.42 -39.09 -32.36
N LYS F 31 -2.12 -38.26 -33.13
CA LYS F 31 -1.81 -38.07 -34.55
C LYS F 31 -0.45 -37.43 -34.80
N MET F 32 0.00 -36.60 -33.86
CA MET F 32 1.32 -35.96 -33.95
C MET F 32 2.48 -36.94 -33.91
N LYS F 33 2.28 -38.10 -33.26
CA LYS F 33 3.28 -39.19 -33.27
C LYS F 33 3.50 -39.69 -34.70
N ASP F 34 2.41 -39.85 -35.46
CA ASP F 34 2.49 -40.31 -36.85
C ASP F 34 2.97 -39.21 -37.79
N ILE F 35 2.27 -38.07 -37.77
CA ILE F 35 2.41 -37.00 -38.77
C ILE F 35 3.55 -36.02 -38.45
N GLY F 36 3.84 -35.85 -37.16
CA GLY F 36 4.91 -34.98 -36.72
C GLY F 36 4.38 -33.75 -36.00
N LEU F 37 5.32 -33.06 -35.35
CA LEU F 37 5.02 -31.85 -34.59
C LEU F 37 4.59 -30.69 -35.48
N PRO F 38 4.03 -29.62 -34.87
CA PRO F 38 3.60 -28.49 -35.67
C PRO F 38 4.72 -27.81 -36.45
N THR F 39 4.46 -27.63 -37.74
CA THR F 39 5.39 -27.01 -38.66
C THR F 39 5.77 -25.59 -38.24
N GLY F 40 4.85 -24.90 -37.56
CA GLY F 40 5.09 -23.57 -36.98
C GLY F 40 5.64 -23.53 -35.56
N TYR F 41 5.90 -24.70 -34.95
CA TYR F 41 6.50 -24.80 -33.61
C TYR F 41 7.57 -25.89 -33.60
N PRO F 42 8.68 -25.64 -34.30
CA PRO F 42 9.75 -26.64 -34.31
C PRO F 42 10.29 -27.02 -32.92
N ASP F 43 10.14 -26.14 -31.94
CA ASP F 43 10.67 -26.37 -30.59
C ASP F 43 9.61 -26.73 -29.57
N LEU F 44 8.43 -27.16 -30.03
CA LEU F 44 7.36 -27.61 -29.14
C LEU F 44 7.74 -28.94 -28.52
N LYS F 45 7.63 -29.01 -27.19
CA LYS F 45 7.73 -30.25 -26.43
C LYS F 45 6.36 -30.64 -25.91
N ILE F 46 5.96 -31.91 -26.13
CA ILE F 46 4.72 -32.46 -25.62
C ILE F 46 5.02 -33.63 -24.68
N ALA F 47 4.45 -33.57 -23.47
CA ALA F 47 4.60 -34.60 -22.45
C ALA F 47 4.16 -35.97 -22.97
N GLY F 48 5.05 -36.97 -22.87
CA GLY F 48 4.79 -38.31 -23.41
C GLY F 48 5.15 -38.56 -24.88
N LEU F 49 5.50 -37.50 -25.61
CA LEU F 49 5.96 -37.62 -27.01
C LEU F 49 7.46 -37.37 -27.04
N ASN F 50 7.87 -36.14 -26.69
CA ASN F 50 9.27 -35.74 -26.64
C ASN F 50 9.57 -34.85 -25.41
N TRP F 51 8.89 -35.13 -24.30
CA TRP F 51 8.98 -34.34 -23.07
C TRP F 51 8.51 -35.26 -21.97
N ASP F 52 9.16 -35.25 -20.82
CA ASP F 52 8.83 -36.24 -19.81
C ASP F 52 7.37 -36.08 -19.34
N ILE F 53 6.64 -37.19 -19.31
CA ILE F 53 5.24 -37.25 -18.89
C ILE F 53 4.98 -36.59 -17.52
N THR F 54 5.99 -36.55 -16.66
CA THR F 54 5.94 -35.82 -15.39
C THR F 54 5.56 -34.33 -15.52
N ASN F 55 5.83 -33.73 -16.69
CA ASN F 55 5.49 -32.33 -16.94
C ASN F 55 4.01 -32.09 -17.31
N LEU F 56 3.24 -33.14 -17.56
CA LEU F 56 1.80 -33.03 -17.81
C LEU F 56 1.05 -32.72 -16.52
N LYS F 57 0.95 -31.44 -16.18
CA LYS F 57 0.32 -30.99 -14.93
C LYS F 57 -0.65 -29.85 -15.19
N GLY F 58 -1.84 -29.93 -14.60
CA GLY F 58 -2.79 -28.82 -14.60
C GLY F 58 -3.34 -28.49 -15.98
N ASP F 59 -3.08 -27.27 -16.45
CA ASP F 59 -3.44 -26.84 -17.80
C ASP F 59 -2.38 -27.24 -18.86
N VAL F 60 -1.18 -27.59 -18.38
CA VAL F 60 -0.01 -27.76 -19.24
C VAL F 60 0.13 -29.22 -19.71
N TYR F 61 0.23 -29.41 -21.03
CA TYR F 61 0.64 -30.69 -21.65
C TYR F 61 1.92 -30.57 -22.50
N GLY F 62 2.33 -29.33 -22.77
CA GLY F 62 3.50 -29.05 -23.58
C GLY F 62 4.02 -27.63 -23.38
N LYS F 63 5.14 -27.33 -24.02
CA LYS F 63 5.78 -26.03 -23.90
C LYS F 63 6.83 -25.89 -24.99
N ILE F 64 6.98 -24.67 -25.53
CA ILE F 64 8.03 -24.39 -26.51
C ILE F 64 9.36 -24.20 -25.77
N ILE F 65 10.21 -25.21 -25.81
CA ILE F 65 11.53 -25.19 -25.21
C ILE F 65 12.55 -25.57 -26.29
N PRO F 66 13.50 -24.68 -26.60
CA PRO F 66 14.58 -25.05 -27.53
C PRO F 66 15.60 -26.02 -26.97
#